data_7ZF3
#
_entry.id   7ZF3
#
_cell.length_a   87.517
_cell.length_b   119.889
_cell.length_c   134.019
_cell.angle_alpha   90.000
_cell.angle_beta   90.000
_cell.angle_gamma   90.000
#
_symmetry.space_group_name_H-M   'P 21 21 21'
#
loop_
_entity.id
_entity.type
_entity.pdbx_description
1 polymer 'EY6A heavy chain'
2 polymer 'EY6A light chain'
3 polymer 'Omi-3 heavy chain'
4 polymer 'Omi-3 light chain'
5 polymer 'Spike protein S1'
6 non-polymer GLYCEROL
7 non-polymer 'ISOPROPYL ALCOHOL'
#
loop_
_entity_poly.entity_id
_entity_poly.type
_entity_poly.pdbx_seq_one_letter_code
_entity_poly.pdbx_strand_id
1 'polypeptide(L)'
;EVQLVESGGGVVQPGRSLRLSCAASAFTFSSYDMHWVRQAPGKGLEWVAVISYDGSNKYYADSVKGRFTISRDNSKNTLY
LQMNSLRAEDTAVYYCAKDGGKLWVYYFDYWGQGTLVTVSSASTKGPSVFPLAPSSKSTSGGTAALGCLVKDYFPEPVTV
SWNSGALTSGVHTFPAVLQSSGLYSLSSVVTVPSSSLGTQTYICNVNHKPSNTKVDKKVEPKSCDK
;
H
2 'polypeptide(L)'
;DIQMTQSPSSLSASVGDRVTITCRASQSISSYLNWYQQKPGKAPKLLIYAASSLQSGVPSRFSGSGSGTDFTLTISSLQP
EDFATYYCQQSYSTLALTFGGGTKVEIKRTVAAPSVFIFPPSDEQLKSGTASVVCLLNNFYPREAKVQWKVDNALQSGNS
QESVTEQDSKDSTYSLSSTLTLSKADYEKHKVYACEVTHQGLSSPVTKSFNRGEC
;
L
3 'polypeptide(L)'
;EVQLVESGGGLIQPGGSLRLSCAASEIIVSRNYMSWVRQAPGKGLEWVSVIYSGGSTFYADSVKGRFTISRDNSKNTLYL
QMNSLRAEDTAVYYCARDLDVVGGTDYWGQGTLVTVSSASTKGPSVFPLAPSSKSTSGGTAALGCLVKDYFPEPVTVSWN
SGALTSGVHTFPAVLQSSGLYSLSSVVTVPSSSLGTQTYICNVNHKPSNTKVDKRVEPKSCDK
;
A
4 'polypeptide(L)'
;EIVLTQSPGTLSLSPGERATLSCRASQSVSSSYLAWYQQKPGQAPRLLIYGASSRATGIPDRFSGSGSGTDFTLTISRLE
PEDFAVYYCQQYGSSPGYTFGQGTKVDIKRTVAAPSVFIFPPSDEQLKSGTASVVCLLNNFYPREAKVQWKVDNALQSGN
SQESVTEQDSKDSTYSLSSTLTLSKADYEKHKVYACEVTHQGLSSPVTKSFNRGEC
;
B
5 'polypeptide(L)'
;HHHHHHTNLCPFDEVFNATRFASVYAWNRKRISNCVADYSVLYNLAPFFTFKCYGVSPTKLNDLCFTNVYADSFVIRGDE
VRQIAPGQTGNIADYNYKLPDDFTGCVIAWNSNKLDSKVSGNYNYLYRLFRKSNLKPFERDISTEIYQAGNKPCNGVAGF
NCYFPLRSYSFRPTYGVGHQPYRVVVLSFELLHAPATVCGKK
;
E
#
# COMPACT_ATOMS: atom_id res chain seq x y z
N GLU A 1 -0.63 -8.22 46.63
CA GLU A 1 0.42 -9.21 46.86
C GLU A 1 0.19 -10.44 45.98
N VAL A 2 0.62 -10.34 44.72
CA VAL A 2 0.52 -11.43 43.76
C VAL A 2 1.86 -11.55 43.04
N GLN A 3 2.42 -12.74 43.02
CA GLN A 3 3.77 -12.95 42.50
C GLN A 3 3.76 -13.95 41.35
N LEU A 4 4.49 -13.62 40.28
CA LEU A 4 4.68 -14.50 39.15
C LEU A 4 6.15 -14.44 38.76
N VAL A 5 6.82 -15.60 38.80
CA VAL A 5 8.26 -15.67 38.60
C VAL A 5 8.56 -16.64 37.46
N GLU A 6 9.17 -16.13 36.40
CA GLU A 6 9.49 -16.94 35.23
C GLU A 6 10.90 -17.49 35.30
N SER A 7 11.17 -18.48 34.46
CA SER A 7 12.50 -19.04 34.27
C SER A 7 12.50 -19.82 32.96
N GLY A 8 13.66 -20.41 32.64
CA GLY A 8 13.79 -21.22 31.44
C GLY A 8 14.25 -20.49 30.21
N GLY A 9 14.40 -19.17 30.26
CA GLY A 9 14.84 -18.43 29.10
C GLY A 9 16.35 -18.44 28.93
N GLY A 10 16.79 -18.41 27.67
CA GLY A 10 18.19 -18.42 27.34
C GLY A 10 18.46 -18.20 25.86
N VAL A 11 19.57 -18.72 25.36
CA VAL A 11 19.93 -18.63 23.95
C VAL A 11 19.67 -19.97 23.29
N VAL A 12 19.00 -19.95 22.13
CA VAL A 12 18.55 -21.16 21.46
C VAL A 12 18.70 -21.00 19.96
N GLN A 13 19.09 -22.08 19.27
CA GLN A 13 19.28 -22.05 17.84
C GLN A 13 17.95 -22.18 17.10
N PRO A 14 17.84 -21.62 15.89
CA PRO A 14 16.59 -21.72 15.14
C PRO A 14 16.19 -23.17 14.90
N GLY A 15 14.89 -23.44 15.04
CA GLY A 15 14.36 -24.77 14.89
C GLY A 15 14.47 -25.65 16.12
N ARG A 16 15.18 -25.21 17.15
CA ARG A 16 15.28 -25.96 18.38
C ARG A 16 14.07 -25.69 19.28
N SER A 17 14.08 -26.27 20.48
CA SER A 17 12.97 -26.18 21.40
C SER A 17 13.42 -25.52 22.71
N LEU A 18 12.44 -24.96 23.42
CA LEU A 18 12.69 -24.33 24.70
C LEU A 18 11.41 -24.33 25.51
N ARG A 19 11.53 -24.49 26.82
CA ARG A 19 10.39 -24.60 27.71
C ARG A 19 10.49 -23.56 28.81
N LEU A 20 9.40 -22.83 29.05
CA LEU A 20 9.34 -21.80 30.07
C LEU A 20 8.45 -22.24 31.22
N SER A 21 8.68 -21.65 32.39
CA SER A 21 7.86 -21.89 33.57
C SER A 21 7.48 -20.56 34.21
N CYS A 22 6.51 -20.63 35.14
CA CYS A 22 5.95 -19.41 35.74
C CYS A 22 5.31 -19.81 37.08
N ALA A 23 6.03 -19.60 38.16
CA ALA A 23 5.59 -20.02 39.49
C ALA A 23 4.64 -18.98 40.08
N ALA A 24 3.43 -19.39 40.43
CA ALA A 24 2.41 -18.50 40.96
C ALA A 24 2.39 -18.56 42.49
N SER A 25 2.06 -17.44 43.10
CA SER A 25 2.08 -17.32 44.55
C SER A 25 1.01 -16.34 45.00
N ALA A 26 0.43 -16.63 46.16
CA ALA A 26 -0.44 -15.71 46.90
C ALA A 26 -1.75 -15.42 46.17
N PHE A 27 -2.28 -16.40 45.44
CA PHE A 27 -3.63 -16.32 44.89
C PHE A 27 -4.04 -17.72 44.43
N THR A 28 -5.36 -17.95 44.42
CA THR A 28 -5.89 -19.23 43.97
C THR A 28 -5.57 -19.43 42.50
N PHE A 29 -4.49 -20.18 42.22
CA PHE A 29 -4.00 -20.30 40.85
C PHE A 29 -4.96 -21.11 39.98
N SER A 30 -5.56 -22.16 40.54
CA SER A 30 -6.33 -23.12 39.77
C SER A 30 -7.72 -22.62 39.40
N SER A 31 -8.06 -21.36 39.69
CA SER A 31 -9.36 -20.83 39.34
C SER A 31 -9.30 -19.65 38.37
N TYR A 32 -8.11 -19.19 37.99
CA TYR A 32 -7.96 -18.09 37.05
C TYR A 32 -7.38 -18.59 35.74
N ASP A 33 -7.77 -17.93 34.65
CA ASP A 33 -7.12 -18.17 33.38
C ASP A 33 -5.71 -17.58 33.40
N MET A 34 -4.85 -18.13 32.55
CA MET A 34 -3.46 -17.71 32.48
C MET A 34 -3.08 -17.40 31.04
N HIS A 35 -2.26 -16.36 30.87
CA HIS A 35 -1.84 -15.90 29.55
C HIS A 35 -0.33 -15.86 29.44
N TRP A 36 0.15 -15.91 28.20
CA TRP A 36 1.53 -15.63 27.85
C TRP A 36 1.55 -14.47 26.87
N VAL A 37 2.37 -13.47 27.15
CA VAL A 37 2.52 -12.29 26.29
C VAL A 37 4.01 -12.01 26.14
N ARG A 38 4.46 -11.87 24.89
CA ARG A 38 5.85 -11.61 24.59
C ARG A 38 6.03 -10.20 24.05
N GLN A 39 7.27 -9.72 24.09
CA GLN A 39 7.59 -8.37 23.62
C GLN A 39 8.99 -8.39 23.03
N ALA A 40 9.09 -8.11 21.74
CA ALA A 40 10.39 -8.10 21.09
C ALA A 40 11.22 -6.92 21.59
N PRO A 41 12.55 -7.01 21.52
CA PRO A 41 13.40 -5.89 21.95
C PRO A 41 13.06 -4.62 21.19
N GLY A 42 12.62 -3.60 21.94
CA GLY A 42 12.28 -2.31 21.37
C GLY A 42 10.91 -2.24 20.73
N LYS A 43 10.18 -3.34 20.68
CA LYS A 43 8.87 -3.38 20.04
C LYS A 43 7.78 -3.35 21.11
N GLY A 44 6.53 -3.49 20.68
CA GLY A 44 5.40 -3.51 21.59
C GLY A 44 5.08 -4.91 22.07
N LEU A 45 3.91 -5.04 22.70
CA LEU A 45 3.47 -6.28 23.31
C LEU A 45 2.65 -7.11 22.33
N GLU A 46 2.79 -8.42 22.42
CA GLU A 46 2.07 -9.35 21.54
C GLU A 46 1.54 -10.50 22.38
N TRP A 47 0.22 -10.70 22.36
CA TRP A 47 -0.38 -11.81 23.08
C TRP A 47 -0.08 -13.13 22.37
N VAL A 48 0.25 -14.15 23.16
CA VAL A 48 0.71 -15.44 22.63
C VAL A 48 -0.34 -16.54 22.79
N ALA A 49 -0.70 -16.86 24.04
CA ALA A 49 -1.60 -17.98 24.29
C ALA A 49 -2.41 -17.75 25.54
N VAL A 50 -3.42 -18.60 25.74
CA VAL A 50 -4.27 -18.58 26.93
C VAL A 50 -4.65 -20.02 27.24
N ILE A 51 -4.72 -20.34 28.53
CA ILE A 51 -5.16 -21.65 28.99
C ILE A 51 -6.20 -21.45 30.09
N SER A 52 -7.25 -22.27 30.05
CA SER A 52 -8.34 -22.13 31.01
C SER A 52 -7.87 -22.45 32.42
N TYR A 53 -8.76 -22.23 33.39
CA TYR A 53 -8.40 -22.43 34.78
C TYR A 53 -8.09 -23.90 35.07
N ASP A 54 -8.79 -24.81 34.41
CA ASP A 54 -8.58 -26.24 34.61
C ASP A 54 -7.65 -26.85 33.56
N GLY A 55 -7.09 -26.05 32.66
CA GLY A 55 -6.13 -26.54 31.68
C GLY A 55 -6.72 -27.38 30.57
N SER A 56 -8.03 -27.57 30.52
CA SER A 56 -8.65 -28.34 29.45
C SER A 56 -8.81 -27.53 28.17
N ASN A 57 -8.68 -26.21 28.25
CA ASN A 57 -8.87 -25.32 27.11
C ASN A 57 -7.55 -24.62 26.79
N LYS A 58 -7.16 -24.64 25.52
CA LYS A 58 -5.95 -23.99 25.09
C LYS A 58 -6.23 -23.24 23.79
N TYR A 59 -5.79 -21.99 23.72
CA TYR A 59 -5.93 -21.18 22.51
C TYR A 59 -4.63 -20.43 22.27
N TYR A 60 -4.28 -20.27 20.99
CA TYR A 60 -2.99 -19.71 20.61
C TYR A 60 -3.19 -18.64 19.55
N ALA A 61 -2.26 -17.69 19.54
CA ALA A 61 -2.24 -16.68 18.49
C ALA A 61 -1.83 -17.29 17.16
N ASP A 62 -2.19 -16.61 16.08
CA ASP A 62 -1.92 -17.16 14.76
C ASP A 62 -0.43 -17.18 14.43
N SER A 63 0.39 -16.38 15.10
CA SER A 63 1.83 -16.37 14.84
C SER A 63 2.56 -17.48 15.56
N VAL A 64 1.95 -18.08 16.58
CA VAL A 64 2.54 -19.17 17.34
C VAL A 64 1.67 -20.43 17.28
N LYS A 65 0.71 -20.47 16.36
CA LYS A 65 -0.18 -21.63 16.28
C LYS A 65 0.58 -22.86 15.78
N GLY A 66 0.28 -24.01 16.40
CA GLY A 66 0.82 -25.28 15.95
C GLY A 66 2.30 -25.40 16.18
N ARG A 67 2.87 -24.37 16.75
CA ARG A 67 4.30 -24.28 17.02
C ARG A 67 4.60 -24.23 18.50
N PHE A 68 3.78 -23.56 19.29
CA PHE A 68 3.90 -23.52 20.74
C PHE A 68 2.80 -24.36 21.38
N THR A 69 3.05 -24.77 22.61
CA THR A 69 2.09 -25.55 23.40
C THR A 69 2.08 -25.02 24.82
N ILE A 70 0.92 -24.57 25.29
CA ILE A 70 0.75 -24.06 26.65
C ILE A 70 0.11 -25.14 27.51
N SER A 71 0.58 -25.26 28.75
CA SER A 71 0.02 -26.20 29.70
C SER A 71 0.17 -25.61 31.09
N ARG A 72 -0.37 -26.31 32.08
CA ARG A 72 -0.31 -25.82 33.45
C ARG A 72 -0.43 -27.01 34.40
N ASP A 73 0.18 -26.86 35.58
CA ASP A 73 0.16 -27.88 36.62
C ASP A 73 -0.41 -27.22 37.87
N ASN A 74 -1.71 -27.41 38.11
CA ASN A 74 -2.37 -26.74 39.22
C ASN A 74 -1.94 -27.30 40.58
N SER A 75 -1.35 -28.49 40.62
CA SER A 75 -0.84 -29.03 41.88
C SER A 75 0.50 -28.42 42.26
N LYS A 76 1.20 -27.80 41.32
CA LYS A 76 2.48 -27.13 41.57
C LYS A 76 2.41 -25.63 41.38
N ASN A 77 1.24 -25.08 41.01
CA ASN A 77 1.04 -23.64 40.81
C ASN A 77 2.05 -23.07 39.82
N THR A 78 2.28 -23.79 38.73
CA THR A 78 3.22 -23.36 37.70
C THR A 78 2.54 -23.38 36.34
N LEU A 79 2.83 -22.35 35.54
CA LEU A 79 2.37 -22.24 34.17
C LEU A 79 3.54 -22.52 33.23
N TYR A 80 3.28 -23.26 32.16
CA TYR A 80 4.33 -23.68 31.25
C TYR A 80 4.05 -23.16 29.85
N LEU A 81 5.10 -23.16 29.01
CA LEU A 81 4.98 -22.77 27.61
C LEU A 81 6.08 -23.51 26.85
N GLN A 82 5.69 -24.59 26.17
CA GLN A 82 6.63 -25.36 25.35
C GLN A 82 6.74 -24.72 23.98
N MET A 83 7.95 -24.28 23.62
CA MET A 83 8.18 -23.57 22.37
C MET A 83 9.05 -24.42 21.46
N ASN A 84 8.44 -24.96 20.40
CA ASN A 84 9.16 -25.75 19.41
C ASN A 84 9.25 -24.98 18.10
N SER A 85 10.25 -25.35 17.30
CA SER A 85 10.48 -24.75 15.99
C SER A 85 10.61 -23.23 16.10
N LEU A 86 11.59 -22.80 16.89
CA LEU A 86 11.77 -21.39 17.18
C LEU A 86 12.41 -20.67 16.00
N ARG A 87 11.83 -19.53 15.63
CA ARG A 87 12.37 -18.67 14.59
C ARG A 87 13.03 -17.45 15.22
N ALA A 88 13.79 -16.73 14.39
CA ALA A 88 14.44 -15.50 14.86
C ALA A 88 13.42 -14.46 15.31
N GLU A 89 12.23 -14.47 14.71
CA GLU A 89 11.21 -13.50 15.09
C GLU A 89 10.63 -13.78 16.47
N ASP A 90 10.80 -15.00 16.99
CA ASP A 90 10.36 -15.32 18.34
C ASP A 90 11.23 -14.69 19.42
N THR A 91 12.29 -13.99 19.05
CA THR A 91 13.18 -13.36 20.01
C THR A 91 12.43 -12.25 20.74
N ALA A 92 12.15 -12.47 22.02
CA ALA A 92 11.32 -11.53 22.79
C ALA A 92 11.43 -11.87 24.26
N VAL A 93 11.05 -10.91 25.10
CA VAL A 93 10.89 -11.15 26.52
C VAL A 93 9.50 -11.72 26.74
N TYR A 94 9.42 -12.90 27.35
CA TYR A 94 8.17 -13.61 27.54
C TYR A 94 7.67 -13.39 28.97
N TYR A 95 6.51 -12.75 29.10
CA TYR A 95 5.83 -12.56 30.37
C TYR A 95 4.69 -13.55 30.51
N CYS A 96 4.46 -14.02 31.73
CA CYS A 96 3.24 -14.75 32.06
C CYS A 96 2.32 -13.82 32.85
N ALA A 97 1.05 -13.78 32.45
CA ALA A 97 0.08 -12.85 33.01
C ALA A 97 -1.15 -13.59 33.50
N LYS A 98 -1.68 -13.13 34.63
CA LYS A 98 -2.90 -13.68 35.20
C LYS A 98 -4.11 -12.96 34.63
N ASP A 99 -5.13 -13.73 34.26
CA ASP A 99 -6.37 -13.15 33.79
C ASP A 99 -7.11 -12.48 34.94
N GLY A 100 -7.66 -11.29 34.68
CA GLY A 100 -8.36 -10.57 35.73
C GLY A 100 -9.59 -11.30 36.22
N GLY A 101 -10.30 -11.97 35.31
CA GLY A 101 -11.42 -12.82 35.66
C GLY A 101 -12.72 -12.09 35.93
N LYS A 102 -12.69 -10.77 36.17
CA LYS A 102 -13.91 -10.04 36.48
C LYS A 102 -14.76 -9.78 35.25
N LEU A 103 -14.18 -9.81 34.06
CA LEU A 103 -14.88 -9.47 32.83
C LEU A 103 -15.23 -10.72 32.03
N TRP A 104 -16.20 -10.57 31.14
CA TRP A 104 -16.51 -11.63 30.18
C TRP A 104 -15.37 -11.88 29.21
N VAL A 105 -14.45 -10.93 29.07
CA VAL A 105 -13.32 -11.05 28.15
C VAL A 105 -12.03 -11.21 28.93
N TYR A 106 -10.91 -11.26 28.22
CA TYR A 106 -9.59 -11.42 28.84
C TYR A 106 -8.95 -10.08 29.10
N TYR A 107 -8.33 -9.96 30.28
CA TYR A 107 -7.49 -8.81 30.59
C TYR A 107 -6.50 -9.24 31.67
N PHE A 108 -5.27 -8.77 31.54
CA PHE A 108 -4.17 -9.19 32.41
C PHE A 108 -3.98 -8.15 33.52
N ASP A 109 -4.15 -8.57 34.77
CA ASP A 109 -4.01 -7.64 35.88
C ASP A 109 -2.68 -7.75 36.60
N TYR A 110 -1.95 -8.86 36.45
CA TYR A 110 -0.66 -9.03 37.09
C TYR A 110 0.27 -9.81 36.17
N TRP A 111 1.50 -9.32 36.05
CA TRP A 111 2.50 -9.87 35.14
C TRP A 111 3.71 -10.33 35.94
N GLY A 112 4.48 -11.24 35.33
CA GLY A 112 5.78 -11.59 35.87
C GLY A 112 6.87 -10.66 35.36
N GLN A 113 8.03 -10.73 36.01
CA GLN A 113 9.12 -9.83 35.64
C GLN A 113 9.58 -10.07 34.21
N GLY A 114 9.42 -11.29 33.71
CA GLY A 114 9.76 -11.59 32.33
C GLY A 114 11.10 -12.29 32.21
N THR A 115 11.19 -13.19 31.23
CA THR A 115 12.43 -13.89 30.91
C THR A 115 12.70 -13.74 29.42
N LEU A 116 13.98 -13.58 29.08
CA LEU A 116 14.38 -13.30 27.70
C LEU A 116 14.68 -14.59 26.95
N VAL A 117 14.16 -14.69 25.73
CA VAL A 117 14.40 -15.81 24.84
C VAL A 117 15.00 -15.26 23.55
N THR A 118 16.27 -15.56 23.30
CA THR A 118 16.97 -15.11 22.10
C THR A 118 17.17 -16.29 21.16
N VAL A 119 16.73 -16.12 19.92
CA VAL A 119 16.86 -17.14 18.89
C VAL A 119 17.84 -16.65 17.84
N SER A 120 18.95 -17.37 17.67
CA SER A 120 19.98 -17.00 16.73
C SER A 120 20.91 -18.18 16.50
N SER A 121 21.41 -18.29 15.27
CA SER A 121 22.38 -19.32 14.91
C SER A 121 23.81 -18.79 14.98
N ALA A 122 24.13 -18.00 16.00
CA ALA A 122 25.46 -17.48 16.23
C ALA A 122 26.00 -17.99 17.55
N SER A 123 27.26 -18.39 17.56
CA SER A 123 27.88 -18.95 18.75
C SER A 123 28.47 -17.84 19.61
N THR A 124 28.76 -18.19 20.87
CA THR A 124 29.28 -17.24 21.82
C THR A 124 30.61 -16.67 21.34
N LYS A 125 30.69 -15.34 21.24
CA LYS A 125 31.86 -14.67 20.71
C LYS A 125 32.20 -13.47 21.58
N GLY A 126 33.48 -13.35 21.96
CA GLY A 126 33.95 -12.24 22.74
C GLY A 126 34.06 -10.97 21.93
N PRO A 127 33.99 -9.82 22.59
CA PRO A 127 33.99 -8.54 21.89
C PRO A 127 35.39 -7.99 21.62
N SER A 128 35.48 -7.21 20.54
CA SER A 128 36.71 -6.50 20.18
C SER A 128 36.49 -5.02 20.46
N VAL A 129 37.37 -4.44 21.27
CA VAL A 129 37.24 -3.06 21.71
C VAL A 129 38.21 -2.20 20.92
N PHE A 130 37.68 -1.20 20.21
CA PHE A 130 38.48 -0.24 19.47
C PHE A 130 38.26 1.15 20.00
N PRO A 131 39.30 1.97 20.11
CA PRO A 131 39.14 3.30 20.71
C PRO A 131 38.54 4.31 19.75
N LEU A 132 37.83 5.27 20.33
CA LEU A 132 37.30 6.43 19.61
C LEU A 132 38.12 7.63 20.06
N ALA A 133 39.14 7.97 19.28
CA ALA A 133 40.08 9.00 19.69
C ALA A 133 39.44 10.38 19.59
N PRO A 134 39.74 11.29 20.51
CA PRO A 134 39.18 12.64 20.43
C PRO A 134 39.79 13.44 19.28
N SER A 135 39.02 14.41 18.80
CA SER A 135 39.44 15.22 17.67
C SER A 135 40.67 16.05 18.01
N SER A 136 41.63 16.07 17.09
CA SER A 136 42.86 16.82 17.29
C SER A 136 42.65 18.31 17.11
N GLY A 142 35.85 23.84 23.71
CA GLY A 142 36.06 23.77 25.15
C GLY A 142 36.01 22.35 25.70
N THR A 143 35.12 21.54 25.15
CA THR A 143 34.93 20.16 25.59
C THR A 143 35.12 19.20 24.43
N ALA A 144 35.78 18.08 24.71
CA ALA A 144 36.04 17.04 23.72
C ALA A 144 35.27 15.78 24.06
N ALA A 145 35.22 14.85 23.12
CA ALA A 145 34.49 13.60 23.28
C ALA A 145 35.36 12.43 22.85
N LEU A 146 35.37 11.36 23.65
CA LEU A 146 36.14 10.18 23.38
C LEU A 146 35.40 8.97 23.94
N GLY A 147 35.64 7.81 23.35
CA GLY A 147 34.93 6.63 23.80
C GLY A 147 35.53 5.35 23.27
N CYS A 148 34.81 4.25 23.51
CA CYS A 148 35.19 2.92 23.07
C CYS A 148 34.09 2.34 22.18
N LEU A 149 34.49 1.46 21.27
CA LEU A 149 33.55 0.78 20.37
C LEU A 149 33.64 -0.72 20.63
N VAL A 150 32.63 -1.26 21.30
CA VAL A 150 32.53 -2.69 21.57
C VAL A 150 31.81 -3.33 20.39
N LYS A 151 32.54 -4.04 19.54
CA LYS A 151 32.03 -4.54 18.27
C LYS A 151 32.07 -6.06 18.22
N ASP A 152 31.03 -6.64 17.61
CA ASP A 152 30.96 -8.07 17.29
C ASP A 152 31.07 -8.96 18.51
N TYR A 153 29.97 -9.10 19.25
CA TYR A 153 29.91 -10.03 20.37
C TYR A 153 28.54 -10.68 20.39
N PHE A 154 28.46 -11.82 21.06
CA PHE A 154 27.22 -12.57 21.21
C PHE A 154 27.35 -13.53 22.40
N PRO A 155 26.34 -13.57 23.28
CA PRO A 155 25.17 -12.71 23.23
C PRO A 155 25.31 -11.50 24.14
N GLU A 156 24.20 -10.80 24.38
CA GLU A 156 24.19 -9.71 25.32
C GLU A 156 24.27 -10.26 26.74
N PRO A 157 24.65 -9.41 27.73
CA PRO A 157 25.05 -8.02 27.61
C PRO A 157 26.55 -7.79 27.79
N VAL A 158 26.95 -6.52 27.73
CA VAL A 158 28.30 -6.10 28.07
C VAL A 158 28.21 -4.95 29.05
N THR A 159 29.24 -4.80 29.87
CA THR A 159 29.33 -3.72 30.85
C THR A 159 30.60 -2.93 30.60
N VAL A 160 30.47 -1.61 30.49
CA VAL A 160 31.59 -0.72 30.23
C VAL A 160 31.66 0.29 31.36
N SER A 161 32.81 0.36 32.01
CA SER A 161 33.12 1.40 32.97
C SER A 161 34.29 2.23 32.44
N TRP A 162 34.55 3.35 33.13
CA TRP A 162 35.62 4.26 32.73
C TRP A 162 36.53 4.53 33.92
N ASN A 163 37.84 4.35 33.72
CA ASN A 163 38.85 4.50 34.76
C ASN A 163 38.51 3.64 35.98
N SER A 164 38.05 2.41 35.72
CA SER A 164 37.65 1.45 36.74
C SER A 164 36.53 2.00 37.62
N GLY A 165 35.69 2.87 37.08
CA GLY A 165 34.55 3.42 37.78
C GLY A 165 34.74 4.83 38.31
N ALA A 166 35.95 5.39 38.22
CA ALA A 166 36.20 6.72 38.75
C ALA A 166 35.53 7.81 37.93
N LEU A 167 35.23 7.56 36.65
CA LEU A 167 34.70 8.56 35.75
C LEU A 167 33.30 8.15 35.34
N THR A 168 32.29 8.84 35.89
CA THR A 168 30.90 8.57 35.57
C THR A 168 30.15 9.78 35.02
N SER A 169 30.66 10.99 35.21
CA SER A 169 30.01 12.18 34.69
C SER A 169 30.20 12.29 33.17
N GLY A 170 29.11 12.58 32.46
CA GLY A 170 29.17 12.73 31.03
C GLY A 170 29.35 11.44 30.26
N VAL A 171 29.14 10.29 30.90
CA VAL A 171 29.29 9.00 30.24
C VAL A 171 27.93 8.56 29.72
N HIS A 172 27.90 8.18 28.44
CA HIS A 172 26.69 7.68 27.79
C HIS A 172 27.02 6.35 27.13
N THR A 173 26.63 5.25 27.75
CA THR A 173 26.77 3.92 27.15
C THR A 173 25.50 3.63 26.36
N PHE A 174 25.64 3.47 25.05
CA PHE A 174 24.50 3.33 24.17
C PHE A 174 24.01 1.89 24.10
N PRO A 175 22.72 1.70 23.84
CA PRO A 175 22.20 0.34 23.66
C PRO A 175 22.86 -0.36 22.49
N ALA A 176 23.04 -1.66 22.63
CA ALA A 176 23.63 -2.47 21.58
C ALA A 176 22.67 -2.60 20.40
N VAL A 177 23.22 -2.50 19.20
CA VAL A 177 22.44 -2.71 17.98
C VAL A 177 22.83 -4.06 17.40
N LEU A 178 21.85 -4.72 16.77
CA LEU A 178 22.07 -6.03 16.17
C LEU A 178 22.46 -5.84 14.71
N GLN A 179 23.73 -6.04 14.41
CA GLN A 179 24.22 -5.88 13.05
C GLN A 179 23.64 -6.95 12.14
N SER A 180 23.89 -6.79 10.84
CA SER A 180 23.41 -7.75 9.86
C SER A 180 24.11 -9.11 9.96
N SER A 181 25.20 -9.19 10.72
CA SER A 181 25.93 -10.43 10.89
C SER A 181 25.45 -11.26 12.07
N GLY A 182 24.38 -10.83 12.74
CA GLY A 182 23.90 -11.52 13.93
C GLY A 182 24.71 -11.26 15.18
N LEU A 183 25.68 -10.36 15.12
CA LEU A 183 26.52 -10.02 16.26
C LEU A 183 26.20 -8.62 16.74
N TYR A 184 26.17 -8.44 18.07
CA TYR A 184 25.83 -7.15 18.62
C TYR A 184 27.02 -6.19 18.55
N SER A 185 26.73 -4.91 18.76
CA SER A 185 27.75 -3.87 18.82
C SER A 185 27.20 -2.61 19.47
N LEU A 186 27.94 -2.04 20.42
CA LEU A 186 27.54 -0.77 21.02
C LEU A 186 28.75 0.14 21.14
N SER A 187 28.49 1.37 21.60
CA SER A 187 29.51 2.36 21.81
C SER A 187 29.28 3.02 23.16
N SER A 188 30.37 3.30 23.86
CA SER A 188 30.34 4.03 25.12
C SER A 188 31.21 5.26 24.98
N VAL A 189 30.66 6.43 25.31
CA VAL A 189 31.34 7.70 25.10
C VAL A 189 31.37 8.48 26.41
N VAL A 190 32.25 9.47 26.45
CA VAL A 190 32.36 10.39 27.59
C VAL A 190 32.89 11.72 27.07
N THR A 191 32.37 12.82 27.62
CA THR A 191 32.81 14.16 27.27
C THR A 191 33.64 14.73 28.40
N VAL A 192 34.80 15.28 28.05
CA VAL A 192 35.76 15.80 29.02
C VAL A 192 36.29 17.14 28.55
N PRO A 193 36.82 17.94 29.46
CA PRO A 193 37.44 19.20 29.04
C PRO A 193 38.67 18.95 28.18
N SER A 194 38.84 19.78 27.16
CA SER A 194 39.95 19.60 26.22
C SER A 194 41.31 19.82 26.86
N SER A 195 41.37 20.43 28.04
CA SER A 195 42.66 20.68 28.67
C SER A 195 43.25 19.42 29.27
N SER A 196 42.41 18.46 29.64
CA SER A 196 42.85 17.22 30.27
C SER A 196 43.22 16.13 29.29
N LEU A 197 43.13 16.39 27.98
CA LEU A 197 43.46 15.36 27.00
C LEU A 197 44.94 14.99 27.05
N GLY A 198 45.81 15.98 27.28
CA GLY A 198 47.23 15.73 27.38
C GLY A 198 47.74 15.48 28.77
N THR A 199 46.87 15.48 29.78
CA THR A 199 47.28 15.28 31.16
C THR A 199 46.55 14.16 31.88
N GLN A 200 45.59 13.49 31.23
CA GLN A 200 44.78 12.49 31.89
C GLN A 200 44.66 11.25 31.00
N THR A 201 44.78 10.07 31.61
CA THR A 201 44.63 8.82 30.90
C THR A 201 43.19 8.33 31.03
N TYR A 202 42.54 8.07 29.89
CA TYR A 202 41.16 7.60 29.85
C TYR A 202 41.16 6.14 29.41
N ILE A 203 40.72 5.26 30.31
CA ILE A 203 40.71 3.81 30.07
C ILE A 203 39.28 3.31 30.25
N CYS A 204 38.74 2.66 29.23
CA CYS A 204 37.43 2.03 29.30
C CYS A 204 37.61 0.57 29.66
N ASN A 205 36.78 0.09 30.58
CA ASN A 205 36.84 -1.28 31.08
C ASN A 205 35.61 -2.02 30.55
N VAL A 206 35.82 -2.82 29.51
CA VAL A 206 34.75 -3.57 28.86
C VAL A 206 34.74 -4.99 29.42
N ASN A 207 33.55 -5.48 29.78
CA ASN A 207 33.40 -6.79 30.40
C ASN A 207 32.25 -7.53 29.74
N HIS A 208 32.50 -8.78 29.36
CA HIS A 208 31.53 -9.64 28.66
C HIS A 208 31.58 -11.03 29.31
N LYS A 209 30.69 -11.24 30.29
CA LYS A 209 30.61 -12.45 31.10
C LYS A 209 30.26 -13.73 30.31
N PRO A 210 29.37 -13.67 29.31
CA PRO A 210 29.08 -14.88 28.52
C PRO A 210 30.31 -15.57 27.94
N SER A 211 31.25 -14.82 27.38
CA SER A 211 32.48 -15.39 26.85
C SER A 211 33.65 -15.23 27.82
N ASN A 212 33.44 -14.62 28.97
CA ASN A 212 34.48 -14.36 29.96
C ASN A 212 35.67 -13.62 29.31
N THR A 213 35.37 -12.39 28.89
CA THR A 213 36.33 -11.56 28.17
C THR A 213 36.29 -10.15 28.76
N LYS A 214 37.41 -9.73 29.37
CA LYS A 214 37.54 -8.40 29.93
C LYS A 214 38.67 -7.68 29.20
N VAL A 215 38.38 -6.50 28.66
CA VAL A 215 39.32 -5.76 27.82
C VAL A 215 39.40 -4.33 28.35
N ASP A 216 40.59 -3.92 28.78
CA ASP A 216 40.88 -2.53 29.14
C ASP A 216 41.55 -1.87 27.93
N LYS A 217 40.96 -0.77 27.46
CA LYS A 217 41.47 -0.05 26.30
C LYS A 217 41.78 1.38 26.69
N LYS A 218 42.95 1.87 26.30
CA LYS A 218 43.40 3.22 26.61
C LYS A 218 43.15 4.11 25.40
N VAL A 219 42.37 5.17 25.61
CA VAL A 219 42.00 6.09 24.54
C VAL A 219 42.92 7.30 24.61
N GLU A 220 43.69 7.51 23.54
CA GLU A 220 44.64 8.61 23.44
C GLU A 220 44.45 9.34 22.13
N PRO A 221 44.76 10.64 22.09
CA PRO A 221 44.66 11.39 20.83
C PRO A 221 45.68 10.91 19.81
N LYS A 222 45.28 10.90 18.54
CA LYS A 222 46.12 10.41 17.46
C LYS A 222 47.12 11.48 17.00
N ASP B 1 -6.90 -9.06 12.06
CA ASP B 1 -7.14 -8.67 13.44
C ASP B 1 -7.60 -7.22 13.54
N ILE B 2 -7.70 -6.70 14.76
CA ILE B 2 -8.12 -5.33 15.01
C ILE B 2 -6.88 -4.49 15.33
N GLN B 3 -6.72 -3.39 14.62
CA GLN B 3 -5.56 -2.52 14.76
C GLN B 3 -5.86 -1.38 15.73
N MET B 4 -4.99 -1.22 16.73
CA MET B 4 -5.10 -0.15 17.70
C MET B 4 -4.05 0.92 17.39
N THR B 5 -4.51 2.16 17.25
CA THR B 5 -3.64 3.28 16.91
C THR B 5 -3.59 4.25 18.09
N GLN B 6 -2.38 4.58 18.54
CA GLN B 6 -2.18 5.47 19.67
C GLN B 6 -1.52 6.75 19.21
N SER B 7 -2.13 7.89 19.57
CA SER B 7 -1.58 9.20 19.27
C SER B 7 -1.56 10.03 20.55
N PRO B 8 -0.46 10.74 20.83
CA PRO B 8 0.75 10.70 20.00
C PRO B 8 1.66 9.53 20.37
N SER B 9 2.68 9.26 19.56
CA SER B 9 3.62 8.20 19.90
C SER B 9 4.52 8.60 21.07
N SER B 10 4.64 9.89 21.34
CA SER B 10 5.44 10.39 22.44
C SER B 10 5.02 11.83 22.73
N LEU B 11 4.89 12.16 24.02
CA LEU B 11 4.52 13.51 24.42
C LEU B 11 5.36 13.92 25.62
N SER B 12 5.73 15.20 25.65
CA SER B 12 6.54 15.76 26.72
C SER B 12 5.67 16.57 27.66
N ALA B 13 5.79 16.29 28.96
CA ALA B 13 5.02 16.98 29.96
C ALA B 13 5.82 17.00 31.26
N SER B 14 5.50 17.98 32.11
CA SER B 14 6.17 18.13 33.39
C SER B 14 5.23 17.74 34.52
N VAL B 15 5.78 17.70 35.73
CA VAL B 15 5.01 17.31 36.89
C VAL B 15 3.91 18.33 37.15
N GLY B 16 2.71 17.84 37.44
CA GLY B 16 1.56 18.69 37.71
C GLY B 16 0.65 18.91 36.52
N ASP B 17 1.08 18.54 35.32
CA ASP B 17 0.27 18.74 34.13
C ASP B 17 -0.86 17.71 34.08
N ARG B 18 -1.83 17.97 33.19
CA ARG B 18 -2.92 17.04 32.92
C ARG B 18 -2.66 16.40 31.57
N VAL B 19 -2.35 15.10 31.58
CA VAL B 19 -1.97 14.36 30.38
C VAL B 19 -3.15 13.49 29.95
N THR B 20 -3.48 13.54 28.66
CA THR B 20 -4.53 12.71 28.07
C THR B 20 -3.96 11.97 26.86
N ILE B 21 -4.06 10.64 26.89
CA ILE B 21 -3.59 9.78 25.82
C ILE B 21 -4.79 9.26 25.04
N THR B 22 -4.66 9.23 23.72
CA THR B 22 -5.75 8.81 22.84
C THR B 22 -5.45 7.42 22.27
N CYS B 23 -6.53 6.68 21.98
CA CYS B 23 -6.42 5.31 21.49
C CYS B 23 -7.59 5.04 20.56
N ARG B 24 -7.30 4.70 19.31
CA ARG B 24 -8.34 4.44 18.31
C ARG B 24 -8.28 2.98 17.86
N ALA B 25 -9.45 2.39 17.64
CA ALA B 25 -9.58 1.03 17.16
C ALA B 25 -10.19 1.04 15.77
N SER B 26 -9.69 0.15 14.89
CA SER B 26 -10.15 0.12 13.51
C SER B 26 -11.64 -0.23 13.40
N GLN B 27 -12.20 -0.88 14.42
CA GLN B 27 -13.62 -1.19 14.46
C GLN B 27 -14.10 -1.06 15.89
N SER B 28 -15.43 -1.03 16.05
CA SER B 28 -16.03 -0.84 17.36
C SER B 28 -15.71 -2.01 18.28
N ILE B 29 -15.12 -1.72 19.43
CA ILE B 29 -14.73 -2.74 20.39
C ILE B 29 -15.55 -2.59 21.67
N SER B 30 -16.73 -2.00 21.55
CA SER B 30 -17.69 -1.85 22.66
C SER B 30 -17.01 -1.09 23.78
N SER B 31 -16.88 -1.66 24.98
CA SER B 31 -16.22 -1.00 26.09
C SER B 31 -15.01 -1.80 26.57
N TYR B 32 -14.54 -2.75 25.76
CA TYR B 32 -13.50 -3.69 26.15
C TYR B 32 -12.12 -3.15 25.77
N LEU B 33 -11.74 -2.06 26.43
CA LEU B 33 -10.45 -1.42 26.22
C LEU B 33 -9.70 -1.34 27.54
N ASN B 34 -8.41 -1.64 27.50
CA ASN B 34 -7.57 -1.71 28.69
C ASN B 34 -6.34 -0.83 28.52
N TRP B 35 -5.85 -0.30 29.64
CA TRP B 35 -4.68 0.56 29.66
C TRP B 35 -3.59 -0.04 30.54
N TYR B 36 -2.37 -0.13 30.00
CA TYR B 36 -1.23 -0.71 30.71
C TYR B 36 -0.07 0.28 30.73
N GLN B 37 0.57 0.37 31.90
CA GLN B 37 1.81 1.13 32.05
C GLN B 37 2.99 0.17 32.11
N GLN B 38 4.12 0.58 31.55
CA GLN B 38 5.32 -0.24 31.57
C GLN B 38 6.54 0.64 31.67
N LYS B 39 7.28 0.52 32.77
CA LYS B 39 8.55 1.20 32.90
C LYS B 39 9.61 0.45 32.07
N PRO B 40 10.70 1.13 31.73
CA PRO B 40 11.80 0.45 31.03
C PRO B 40 12.39 -0.67 31.90
N GLY B 41 12.53 -1.85 31.29
CA GLY B 41 13.10 -2.99 31.98
C GLY B 41 12.17 -3.69 32.96
N LYS B 42 10.99 -3.15 33.21
CA LYS B 42 10.05 -3.73 34.15
C LYS B 42 8.86 -4.33 33.40
N ALA B 43 8.06 -5.07 34.15
CA ALA B 43 6.86 -5.68 33.61
C ALA B 43 5.75 -4.64 33.45
N PRO B 44 4.82 -4.86 32.52
CA PRO B 44 3.67 -3.95 32.41
C PRO B 44 2.73 -4.10 33.59
N LYS B 45 2.09 -2.99 33.96
CA LYS B 45 1.14 -2.96 35.06
C LYS B 45 -0.21 -2.50 34.54
N LEU B 46 -1.28 -3.13 35.02
CA LEU B 46 -2.63 -2.77 34.60
C LEU B 46 -3.07 -1.51 35.33
N LEU B 47 -3.62 -0.56 34.58
CA LEU B 47 -4.15 0.68 35.13
C LEU B 47 -5.68 0.71 35.07
N ILE B 48 -6.24 0.68 33.87
CA ILE B 48 -7.67 0.76 33.63
C ILE B 48 -8.08 -0.47 32.82
N TYR B 49 -9.19 -1.11 33.24
CA TYR B 49 -9.80 -2.18 32.48
C TYR B 49 -11.26 -1.82 32.19
N ALA B 50 -11.79 -2.37 31.10
CA ALA B 50 -13.16 -2.08 30.65
C ALA B 50 -13.36 -0.58 30.46
N ALA B 51 -12.47 0.02 29.65
CA ALA B 51 -12.52 1.43 29.26
C ALA B 51 -12.32 2.41 30.41
N SER B 52 -13.04 2.24 31.51
CA SER B 52 -13.04 3.23 32.57
C SER B 52 -12.80 2.69 33.98
N SER B 53 -13.00 1.40 34.23
CA SER B 53 -12.89 0.87 35.59
C SER B 53 -11.45 0.91 36.09
N LEU B 54 -11.26 1.47 37.27
CA LEU B 54 -9.93 1.63 37.86
C LEU B 54 -9.53 0.36 38.61
N GLN B 55 -8.34 -0.15 38.31
CA GLN B 55 -7.85 -1.34 38.98
C GLN B 55 -7.41 -1.00 40.41
N SER B 56 -7.68 -1.92 41.33
CA SER B 56 -7.35 -1.68 42.74
C SER B 56 -5.85 -1.45 42.90
N GLY B 57 -5.50 -0.53 43.79
CA GLY B 57 -4.13 -0.15 44.01
C GLY B 57 -3.65 1.00 43.14
N VAL B 58 -4.20 1.13 41.94
CA VAL B 58 -3.81 2.24 41.05
C VAL B 58 -4.31 3.55 41.64
N PRO B 59 -3.50 4.62 41.65
CA PRO B 59 -3.96 5.89 42.22
C PRO B 59 -5.18 6.43 41.49
N SER B 60 -5.93 7.28 42.20
CA SER B 60 -7.16 7.84 41.67
C SER B 60 -6.92 8.88 40.59
N ARG B 61 -5.67 9.30 40.37
CA ARG B 61 -5.39 10.30 39.35
C ARG B 61 -5.54 9.76 37.94
N PHE B 62 -5.50 8.43 37.77
CA PHE B 62 -5.71 7.80 36.47
C PHE B 62 -7.19 7.54 36.25
N SER B 63 -7.64 7.76 35.01
CA SER B 63 -9.04 7.56 34.68
C SER B 63 -9.16 7.30 33.18
N GLY B 64 -10.23 6.63 32.79
CA GLY B 64 -10.46 6.32 31.40
C GLY B 64 -11.88 6.64 30.99
N SER B 65 -12.04 6.96 29.70
CA SER B 65 -13.36 7.23 29.15
C SER B 65 -13.39 6.75 27.71
N GLY B 66 -14.55 6.88 27.09
CA GLY B 66 -14.73 6.55 25.69
C GLY B 66 -15.38 5.20 25.48
N SER B 67 -16.03 5.04 24.33
CA SER B 67 -16.62 3.77 23.94
C SER B 67 -16.70 3.72 22.42
N GLY B 68 -16.75 2.50 21.89
CA GLY B 68 -16.75 2.32 20.45
C GLY B 68 -15.35 2.21 19.89
N THR B 69 -14.84 3.29 19.31
CA THR B 69 -13.53 3.30 18.68
C THR B 69 -12.54 4.27 19.32
N ASP B 70 -13.01 5.35 19.94
CA ASP B 70 -12.15 6.35 20.55
C ASP B 70 -12.11 6.14 22.05
N PHE B 71 -10.92 6.13 22.62
CA PHE B 71 -10.74 5.95 24.06
C PHE B 71 -9.66 6.91 24.55
N THR B 72 -9.72 7.21 25.84
CA THR B 72 -8.86 8.25 26.42
C THR B 72 -8.48 7.89 27.85
N LEU B 73 -7.18 7.80 28.10
CA LEU B 73 -6.64 7.72 29.45
C LEU B 73 -6.22 9.11 29.90
N THR B 74 -6.58 9.47 31.13
CA THR B 74 -6.33 10.82 31.63
C THR B 74 -5.66 10.76 33.00
N ILE B 75 -4.52 11.45 33.13
CA ILE B 75 -3.85 11.63 34.39
C ILE B 75 -4.14 13.06 34.85
N SER B 76 -4.86 13.20 35.96
CA SER B 76 -5.27 14.52 36.42
C SER B 76 -4.06 15.36 36.82
N SER B 77 -3.13 14.78 37.57
CA SER B 77 -1.92 15.48 38.01
C SER B 77 -0.74 14.54 37.80
N LEU B 78 0.10 14.87 36.83
CA LEU B 78 1.25 14.02 36.52
C LEU B 78 2.25 14.03 37.69
N GLN B 79 2.70 12.85 38.08
CA GLN B 79 3.66 12.67 39.16
C GLN B 79 4.96 12.09 38.60
N PRO B 80 6.08 12.25 39.32
CA PRO B 80 7.36 11.77 38.77
C PRO B 80 7.37 10.28 38.45
N GLU B 81 6.68 9.46 39.25
CA GLU B 81 6.63 8.02 38.98
C GLU B 81 5.64 7.67 37.88
N ASP B 82 5.14 8.66 37.13
CA ASP B 82 4.20 8.43 36.05
C ASP B 82 4.84 8.61 34.67
N PHE B 83 6.13 8.91 34.59
CA PHE B 83 6.83 9.01 33.31
C PHE B 83 7.16 7.60 32.85
N ALA B 84 6.39 7.11 31.88
CA ALA B 84 6.58 5.76 31.35
C ALA B 84 5.87 5.67 30.00
N THR B 85 5.77 4.46 29.46
CA THR B 85 5.01 4.19 28.26
C THR B 85 3.65 3.60 28.65
N TYR B 86 2.62 3.98 27.92
CA TYR B 86 1.25 3.53 28.18
C TYR B 86 0.68 2.86 26.95
N TYR B 87 0.33 1.58 27.07
CA TYR B 87 -0.26 0.82 25.97
C TYR B 87 -1.76 0.65 26.21
N CYS B 88 -2.54 0.81 25.15
CA CYS B 88 -3.96 0.44 25.17
C CYS B 88 -4.13 -0.89 24.45
N GLN B 89 -5.02 -1.72 25.00
CA GLN B 89 -5.19 -3.09 24.52
C GLN B 89 -6.67 -3.43 24.45
N GLN B 90 -7.13 -3.87 23.28
CA GLN B 90 -8.51 -4.24 23.07
C GLN B 90 -8.72 -5.72 23.40
N SER B 91 -9.88 -6.03 23.95
CA SER B 91 -10.22 -7.40 24.30
C SER B 91 -11.57 -7.82 23.73
N TYR B 92 -12.04 -7.15 22.69
CA TYR B 92 -13.29 -7.54 22.04
C TYR B 92 -13.11 -8.87 21.31
N SER B 93 -12.08 -8.98 20.48
CA SER B 93 -11.73 -10.25 19.83
C SER B 93 -10.88 -11.02 20.84
N THR B 94 -11.54 -11.82 21.67
CA THR B 94 -10.86 -12.43 22.81
C THR B 94 -9.79 -13.42 22.36
N LEU B 95 -9.93 -13.99 21.17
CA LEU B 95 -8.95 -14.89 20.59
C LEU B 95 -7.96 -14.18 19.70
N ALA B 96 -8.03 -12.84 19.61
CA ALA B 96 -7.07 -12.03 18.87
C ALA B 96 -6.82 -10.73 19.65
N LEU B 97 -6.32 -10.87 20.86
CA LEU B 97 -6.00 -9.71 21.69
C LEU B 97 -4.82 -8.95 21.07
N THR B 98 -5.02 -7.65 20.84
CA THR B 98 -4.01 -6.81 20.19
C THR B 98 -3.76 -5.56 21.03
N PHE B 99 -2.50 -5.13 21.06
CA PHE B 99 -2.10 -3.92 21.77
C PHE B 99 -1.92 -2.76 20.81
N GLY B 100 -1.71 -1.58 21.39
CA GLY B 100 -1.43 -0.39 20.62
C GLY B 100 0.06 -0.12 20.49
N GLY B 101 0.38 0.98 19.81
CA GLY B 101 1.76 1.36 19.64
C GLY B 101 2.39 1.95 20.89
N GLY B 102 1.58 2.38 21.84
CA GLY B 102 2.13 2.96 23.05
C GLY B 102 2.42 4.43 22.90
N THR B 103 2.32 5.15 24.02
CA THR B 103 2.64 6.56 24.11
C THR B 103 3.65 6.75 25.23
N LYS B 104 4.78 7.38 24.93
CA LYS B 104 5.85 7.60 25.90
C LYS B 104 5.72 9.01 26.46
N VAL B 105 5.41 9.10 27.74
CA VAL B 105 5.29 10.38 28.44
C VAL B 105 6.67 10.76 28.97
N GLU B 106 7.30 11.75 28.35
CA GLU B 106 8.66 12.13 28.69
C GLU B 106 8.68 13.41 29.51
N ILE B 107 9.83 13.67 30.13
CA ILE B 107 10.02 14.87 30.94
C ILE B 107 10.28 16.05 30.00
N LYS B 108 9.47 17.09 30.11
CA LYS B 108 9.61 18.25 29.24
C LYS B 108 10.68 19.19 29.77
N ARG B 109 11.47 19.74 28.87
CA ARG B 109 12.51 20.68 29.22
C ARG B 109 12.76 21.61 28.04
N THR B 110 13.65 22.57 28.23
CA THR B 110 13.96 23.54 27.18
C THR B 110 14.71 22.86 26.04
N VAL B 111 14.66 23.49 24.87
CA VAL B 111 15.33 22.96 23.69
C VAL B 111 16.84 23.05 23.87
N ALA B 112 17.55 21.98 23.51
CA ALA B 112 19.00 21.89 23.66
C ALA B 112 19.60 21.34 22.37
N ALA B 113 20.45 22.13 21.74
CA ALA B 113 21.06 21.71 20.48
C ALA B 113 22.10 20.64 20.75
N PRO B 114 22.23 19.63 19.87
CA PRO B 114 23.19 18.56 20.13
C PRO B 114 24.61 18.99 19.86
N SER B 115 25.53 18.37 20.60
CA SER B 115 26.96 18.53 20.34
C SER B 115 27.39 17.40 19.41
N VAL B 116 27.80 17.75 18.20
CA VAL B 116 28.10 16.77 17.17
C VAL B 116 29.58 16.41 17.24
N PHE B 117 29.87 15.11 17.26
CA PHE B 117 31.24 14.60 17.22
C PHE B 117 31.30 13.45 16.23
N ILE B 118 32.43 13.32 15.55
CA ILE B 118 32.65 12.28 14.55
C ILE B 118 34.00 11.64 14.81
N PHE B 119 34.06 10.30 14.71
CA PHE B 119 35.26 9.54 15.01
C PHE B 119 35.64 8.67 13.82
N PRO B 120 36.86 8.78 13.31
CA PRO B 120 37.30 7.88 12.24
C PRO B 120 37.58 6.49 12.79
N PRO B 121 37.59 5.47 11.93
CA PRO B 121 37.89 4.12 12.42
C PRO B 121 39.33 4.00 12.88
N SER B 122 39.53 3.25 13.95
CA SER B 122 40.87 3.10 14.52
C SER B 122 41.76 2.30 13.57
N ASP B 123 43.07 2.54 13.68
CA ASP B 123 44.02 1.76 12.89
C ASP B 123 43.97 0.29 13.29
N GLU B 124 43.60 -0.02 14.53
CA GLU B 124 43.50 -1.41 14.96
C GLU B 124 42.41 -2.14 14.21
N GLN B 125 41.23 -1.51 14.08
CA GLN B 125 40.13 -2.14 13.37
C GLN B 125 40.39 -2.26 11.88
N LEU B 126 41.11 -1.30 11.31
CA LEU B 126 41.41 -1.35 9.88
C LEU B 126 42.29 -2.54 9.52
N LYS B 127 43.09 -3.02 10.48
CA LYS B 127 43.90 -4.22 10.26
C LYS B 127 43.05 -5.49 10.22
N SER B 128 41.78 -5.42 10.62
CA SER B 128 40.88 -6.55 10.60
C SER B 128 40.02 -6.62 9.34
N GLY B 129 40.01 -5.57 8.53
CA GLY B 129 39.26 -5.57 7.30
C GLY B 129 37.93 -4.85 7.32
N THR B 130 37.66 -4.06 8.36
CA THR B 130 36.39 -3.36 8.49
C THR B 130 36.65 -1.97 9.07
N ALA B 131 35.92 -0.98 8.57
CA ALA B 131 35.99 0.40 9.05
C ALA B 131 34.66 0.77 9.68
N SER B 132 34.71 1.39 10.85
CA SER B 132 33.51 1.82 11.56
C SER B 132 33.64 3.31 11.87
N VAL B 133 32.82 4.12 11.21
CA VAL B 133 32.79 5.56 11.43
C VAL B 133 31.60 5.88 12.34
N VAL B 134 31.86 6.60 13.42
CA VAL B 134 30.86 6.87 14.46
C VAL B 134 30.56 8.37 14.46
N CYS B 135 29.27 8.70 14.51
CA CYS B 135 28.79 10.07 14.62
C CYS B 135 28.02 10.20 15.92
N LEU B 136 28.42 11.14 16.77
CA LEU B 136 27.86 11.28 18.11
C LEU B 136 27.05 12.56 18.20
N LEU B 137 25.81 12.43 18.68
CA LEU B 137 24.95 13.56 19.02
C LEU B 137 24.78 13.52 20.53
N ASN B 138 25.27 14.55 21.22
CA ASN B 138 25.41 14.52 22.67
C ASN B 138 24.48 15.54 23.31
N ASN B 139 23.60 15.05 24.19
CA ASN B 139 22.80 15.87 25.11
C ASN B 139 21.94 16.89 24.35
N PHE B 140 20.88 16.37 23.71
CA PHE B 140 19.94 17.21 22.97
C PHE B 140 18.51 16.93 23.41
N TYR B 141 17.61 17.85 23.04
CA TYR B 141 16.18 17.70 23.29
C TYR B 141 15.39 18.47 22.24
N PRO B 142 14.31 17.90 21.70
CA PRO B 142 13.77 16.56 21.99
C PRO B 142 14.46 15.44 21.23
N ARG B 143 13.86 14.24 21.27
CA ARG B 143 14.50 13.05 20.70
C ARG B 143 14.61 13.13 19.18
N GLU B 144 13.77 13.92 18.52
CA GLU B 144 13.73 13.96 17.07
C GLU B 144 15.03 14.54 16.51
N ALA B 145 15.71 13.76 15.68
CA ALA B 145 16.95 14.20 15.04
C ALA B 145 17.20 13.35 13.80
N LYS B 146 17.69 14.00 12.74
CA LYS B 146 18.01 13.35 11.49
C LYS B 146 19.53 13.34 11.30
N VAL B 147 20.07 12.18 10.92
CA VAL B 147 21.50 11.99 10.77
C VAL B 147 21.74 11.37 9.40
N GLN B 148 22.32 12.14 8.49
CA GLN B 148 22.65 11.69 7.15
C GLN B 148 24.16 11.51 7.02
N TRP B 149 24.56 10.41 6.39
CA TRP B 149 25.97 10.15 6.12
C TRP B 149 26.32 10.59 4.71
N LYS B 150 27.47 11.23 4.57
CA LYS B 150 27.99 11.65 3.28
C LYS B 150 29.42 11.16 3.14
N VAL B 151 29.70 10.50 2.02
CA VAL B 151 31.03 10.01 1.70
C VAL B 151 31.44 10.64 0.37
N ASP B 152 32.46 11.50 0.41
CA ASP B 152 32.85 12.30 -0.75
C ASP B 152 31.67 13.07 -1.31
N ASN B 153 30.90 13.69 -0.39
CA ASN B 153 29.72 14.49 -0.74
C ASN B 153 28.67 13.67 -1.48
N ALA B 154 28.64 12.35 -1.22
CA ALA B 154 27.64 11.45 -1.79
C ALA B 154 26.85 10.83 -0.64
N LEU B 155 25.53 10.97 -0.70
CA LEU B 155 24.68 10.53 0.41
C LEU B 155 24.68 9.02 0.52
N GLN B 156 24.87 8.51 1.74
CA GLN B 156 24.85 7.09 2.01
C GLN B 156 23.44 6.64 2.39
N SER B 157 23.20 5.34 2.24
CA SER B 157 21.90 4.77 2.55
C SER B 157 22.03 3.26 2.68
N GLY B 158 21.60 2.72 3.81
CA GLY B 158 21.55 1.29 4.00
C GLY B 158 22.79 0.66 4.60
N ASN B 159 23.72 1.45 5.14
CA ASN B 159 24.94 0.92 5.71
C ASN B 159 25.23 1.49 7.10
N SER B 160 24.21 2.03 7.76
CA SER B 160 24.40 2.67 9.06
C SER B 160 23.28 2.28 10.00
N GLN B 161 23.56 2.37 11.29
CA GLN B 161 22.60 2.06 12.34
C GLN B 161 22.70 3.12 13.43
N GLU B 162 21.56 3.39 14.08
CA GLU B 162 21.49 4.37 15.15
C GLU B 162 21.21 3.68 16.48
N SER B 163 21.51 4.40 17.55
CA SER B 163 21.19 3.96 18.90
C SER B 163 20.98 5.18 19.76
N VAL B 164 19.84 5.23 20.46
CA VAL B 164 19.46 6.38 21.27
CA VAL B 164 19.46 6.38 21.27
C VAL B 164 19.39 5.94 22.73
N THR B 165 19.79 6.84 23.63
CA THR B 165 19.73 6.59 25.06
C THR B 165 18.41 7.09 25.63
N GLU B 166 18.05 6.54 26.79
CA GLU B 166 16.88 7.04 27.51
C GLU B 166 17.15 8.45 28.04
N GLN B 167 16.09 9.10 28.50
CA GLN B 167 16.22 10.46 29.00
C GLN B 167 17.17 10.48 30.19
N ASP B 168 18.17 11.35 30.13
CA ASP B 168 19.21 11.39 31.15
C ASP B 168 18.61 11.82 32.49
N SER B 169 19.00 11.10 33.55
CA SER B 169 18.43 11.31 34.88
C SER B 169 18.83 12.64 35.50
N LYS B 170 19.64 13.46 34.82
CA LYS B 170 20.12 14.71 35.40
C LYS B 170 19.73 15.95 34.59
N ASP B 171 19.78 15.88 33.25
CA ASP B 171 19.36 17.00 32.43
C ASP B 171 18.26 16.64 31.44
N SER B 172 17.74 15.42 31.47
CA SER B 172 16.58 14.99 30.68
C SER B 172 16.80 15.14 29.18
N THR B 173 18.04 14.94 28.72
CA THR B 173 18.40 15.01 27.32
C THR B 173 18.65 13.61 26.76
N TYR B 174 18.89 13.54 25.46
CA TYR B 174 19.16 12.29 24.77
C TYR B 174 20.53 12.34 24.11
N SER B 175 21.04 11.15 23.81
CA SER B 175 22.29 11.02 23.09
C SER B 175 22.13 9.92 22.04
N LEU B 176 22.71 10.14 20.86
CA LEU B 176 22.56 9.24 19.74
C LEU B 176 23.91 8.99 19.11
N SER B 177 24.17 7.74 18.74
CA SER B 177 25.40 7.35 18.04
C SER B 177 25.02 6.60 16.78
N SER B 178 25.49 7.10 15.63
CA SER B 178 25.25 6.47 14.35
C SER B 178 26.54 5.83 13.87
N THR B 179 26.49 4.55 13.50
CA THR B 179 27.67 3.78 13.15
C THR B 179 27.60 3.43 11.66
N LEU B 180 28.47 4.07 10.86
CA LEU B 180 28.62 3.73 9.45
C LEU B 180 29.70 2.67 9.32
N THR B 181 29.35 1.52 8.75
CA THR B 181 30.26 0.39 8.61
C THR B 181 30.57 0.19 7.13
N LEU B 182 31.86 0.31 6.80
CA LEU B 182 32.37 0.04 5.46
C LEU B 182 33.47 -1.02 5.54
N SER B 183 33.69 -1.71 4.44
CA SER B 183 34.86 -2.56 4.34
C SER B 183 36.12 -1.70 4.25
N LYS B 184 37.25 -2.27 4.65
CA LYS B 184 38.51 -1.55 4.55
C LYS B 184 38.78 -1.09 3.13
N ALA B 185 38.41 -1.92 2.15
CA ALA B 185 38.61 -1.54 0.75
C ALA B 185 37.79 -0.32 0.37
N ASP B 186 36.50 -0.33 0.68
CA ASP B 186 35.66 0.81 0.36
C ASP B 186 36.05 2.06 1.14
N TYR B 187 36.63 1.89 2.34
CA TYR B 187 37.04 3.04 3.13
C TYR B 187 38.27 3.72 2.50
N GLU B 188 39.21 2.94 1.99
CA GLU B 188 40.41 3.52 1.39
C GLU B 188 40.12 4.19 0.06
N LYS B 189 38.98 3.90 -0.55
CA LYS B 189 38.63 4.45 -1.86
C LYS B 189 37.98 5.83 -1.78
N HIS B 190 37.89 6.42 -0.59
CA HIS B 190 37.29 7.72 -0.42
C HIS B 190 38.12 8.53 0.56
N LYS B 191 37.85 9.84 0.63
CA LYS B 191 38.63 10.75 1.45
C LYS B 191 37.80 11.52 2.46
N VAL B 192 36.74 12.19 2.02
CA VAL B 192 35.93 13.03 2.88
C VAL B 192 34.78 12.22 3.46
N TYR B 193 34.75 12.09 4.78
CA TYR B 193 33.68 11.42 5.50
C TYR B 193 33.03 12.42 6.45
N ALA B 194 31.70 12.52 6.37
CA ALA B 194 30.97 13.51 7.16
C ALA B 194 29.59 12.96 7.51
N CYS B 195 29.07 13.40 8.65
CA CYS B 195 27.68 13.18 9.01
C CYS B 195 26.99 14.53 9.20
N GLU B 196 25.77 14.65 8.69
CA GLU B 196 25.00 15.88 8.73
C GLU B 196 23.85 15.70 9.70
N VAL B 197 23.80 16.55 10.72
CA VAL B 197 22.82 16.46 11.80
C VAL B 197 21.81 17.59 11.62
N THR B 198 20.53 17.22 11.55
CA THR B 198 19.43 18.18 11.49
C THR B 198 18.65 18.10 12.79
N HIS B 199 18.55 19.21 13.51
CA HIS B 199 17.84 19.23 14.77
C HIS B 199 17.07 20.53 14.92
N GLN B 200 16.11 20.52 15.85
CA GLN B 200 15.28 21.70 16.10
C GLN B 200 16.12 22.83 16.70
N GLY B 201 16.99 22.51 17.64
CA GLY B 201 17.83 23.49 18.30
C GLY B 201 18.96 24.05 17.46
N LEU B 202 19.09 23.62 16.21
CA LEU B 202 20.11 24.12 15.29
C LEU B 202 19.46 25.04 14.27
N SER B 203 20.09 26.18 14.02
CA SER B 203 19.58 27.10 13.00
C SER B 203 19.70 26.49 11.62
N SER B 204 20.75 25.73 11.37
CA SER B 204 21.00 25.08 10.09
C SER B 204 21.62 23.72 10.36
N PRO B 205 21.53 22.80 9.41
CA PRO B 205 22.16 21.48 9.60
C PRO B 205 23.66 21.60 9.83
N VAL B 206 24.13 21.01 10.92
CA VAL B 206 25.55 21.04 11.29
C VAL B 206 26.23 19.80 10.74
N THR B 207 27.39 20.00 10.11
CA THR B 207 28.14 18.93 9.48
C THR B 207 29.50 18.81 10.15
N LYS B 208 29.82 17.61 10.63
CA LYS B 208 31.13 17.30 11.21
C LYS B 208 31.84 16.30 10.30
N SER B 209 33.01 16.68 9.80
CA SER B 209 33.73 15.88 8.81
C SER B 209 35.16 15.65 9.26
N PHE B 210 35.81 14.71 8.57
CA PHE B 210 37.25 14.48 8.72
C PHE B 210 37.77 13.97 7.40
N ASN B 211 39.08 14.12 7.20
CA ASN B 211 39.75 13.62 6.01
C ASN B 211 40.63 12.44 6.38
N ARG B 212 40.45 11.33 5.68
CA ARG B 212 41.20 10.11 5.95
C ARG B 212 42.68 10.35 5.74
N GLY B 213 43.48 10.05 6.78
CA GLY B 213 44.90 10.29 6.74
C GLY B 213 45.33 11.67 7.19
N GLU B 214 44.42 12.47 7.74
CA GLU B 214 44.76 13.81 8.19
C GLU B 214 44.27 14.04 9.62
N GLU C 1 -28.59 5.31 -25.29
CA GLU C 1 -28.27 6.57 -24.64
C GLU C 1 -27.62 6.32 -23.28
N VAL C 2 -26.57 5.51 -23.28
CA VAL C 2 -25.85 5.14 -22.06
C VAL C 2 -24.50 5.85 -22.10
N GLN C 3 -24.35 6.89 -21.29
CA GLN C 3 -23.15 7.71 -21.30
C GLN C 3 -22.56 7.80 -19.91
N LEU C 4 -21.25 8.05 -19.86
CA LEU C 4 -20.53 8.34 -18.61
C LEU C 4 -19.60 9.52 -18.92
N VAL C 5 -20.10 10.73 -18.68
CA VAL C 5 -19.39 11.96 -19.04
C VAL C 5 -18.61 12.46 -17.84
N GLU C 6 -17.30 12.59 -18.00
CA GLU C 6 -16.40 13.03 -16.94
C GLU C 6 -16.03 14.50 -17.14
N SER C 7 -15.55 15.11 -16.06
CA SER C 7 -15.19 16.52 -16.08
C SER C 7 -14.40 16.84 -14.81
N GLY C 8 -13.65 17.94 -14.87
CA GLY C 8 -12.97 18.44 -13.69
C GLY C 8 -11.47 18.22 -13.62
N GLY C 9 -10.89 17.57 -14.62
CA GLY C 9 -9.46 17.40 -14.66
C GLY C 9 -8.75 18.69 -15.02
N GLY C 10 -7.44 18.64 -14.98
CA GLY C 10 -6.62 19.79 -15.32
C GLY C 10 -5.34 19.79 -14.51
N LEU C 11 -4.69 20.96 -14.49
CA LEU C 11 -3.43 21.13 -13.78
C LEU C 11 -3.69 21.41 -12.31
N ILE C 12 -2.93 20.76 -11.44
CA ILE C 12 -3.01 20.96 -10.01
C ILE C 12 -1.61 20.84 -9.43
N GLN C 13 -1.28 21.74 -8.50
CA GLN C 13 0.06 21.74 -7.92
C GLN C 13 0.24 20.54 -6.98
N PRO C 14 1.46 20.06 -6.82
CA PRO C 14 1.70 18.93 -5.92
C PRO C 14 1.24 19.25 -4.50
N GLY C 15 0.59 18.26 -3.87
CA GLY C 15 0.01 18.45 -2.55
C GLY C 15 -1.34 19.13 -2.53
N GLY C 16 -1.86 19.55 -3.69
CA GLY C 16 -3.16 20.17 -3.76
C GLY C 16 -4.26 19.14 -3.89
N SER C 17 -5.47 19.65 -4.09
CA SER C 17 -6.64 18.81 -4.21
C SER C 17 -7.35 19.06 -5.54
N LEU C 18 -8.07 18.04 -6.01
CA LEU C 18 -8.85 18.14 -7.23
C LEU C 18 -9.97 17.11 -7.14
N ARG C 19 -11.15 17.47 -7.65
CA ARG C 19 -12.33 16.64 -7.56
C ARG C 19 -12.85 16.36 -8.96
N LEU C 20 -12.94 15.08 -9.32
CA LEU C 20 -13.41 14.62 -10.61
C LEU C 20 -14.89 14.25 -10.54
N SER C 21 -15.60 14.48 -11.64
CA SER C 21 -17.01 14.16 -11.77
C SER C 21 -17.21 13.10 -12.84
N CYS C 22 -18.31 12.34 -12.70
CA CYS C 22 -18.68 11.29 -13.67
C CYS C 22 -20.21 11.33 -13.82
N ALA C 23 -20.69 12.23 -14.65
CA ALA C 23 -22.11 12.34 -14.91
C ALA C 23 -22.61 11.10 -15.66
N ALA C 24 -23.70 10.53 -15.18
CA ALA C 24 -24.23 9.28 -15.72
C ALA C 24 -25.59 9.51 -16.37
N SER C 25 -25.84 8.82 -17.47
CA SER C 25 -27.11 8.88 -18.19
C SER C 25 -27.60 7.46 -18.42
N GLU C 26 -28.87 7.22 -18.11
CA GLU C 26 -29.53 5.92 -18.28
C GLU C 26 -28.98 4.86 -17.35
N ILE C 27 -27.79 5.08 -16.78
CA ILE C 27 -27.23 4.24 -15.74
C ILE C 27 -27.37 4.98 -14.41
N ILE C 28 -27.93 4.31 -13.41
CA ILE C 28 -28.05 4.88 -12.07
C ILE C 28 -26.79 4.52 -11.29
N VAL C 29 -26.09 5.55 -10.80
CA VAL C 29 -24.85 5.33 -10.06
C VAL C 29 -25.12 4.66 -8.72
N SER C 30 -26.19 5.08 -8.03
CA SER C 30 -26.47 4.60 -6.68
C SER C 30 -26.94 3.15 -6.66
N ARG C 31 -27.23 2.55 -7.80
CA ARG C 31 -27.67 1.16 -7.87
C ARG C 31 -26.68 0.30 -8.66
N ASN C 32 -25.40 0.68 -8.64
CA ASN C 32 -24.40 -0.02 -9.43
C ASN C 32 -23.06 0.02 -8.72
N TYR C 33 -22.20 -0.93 -9.08
CA TYR C 33 -20.78 -0.88 -8.74
C TYR C 33 -20.12 0.13 -9.68
N MET C 34 -19.70 1.27 -9.13
CA MET C 34 -19.01 2.29 -9.90
C MET C 34 -17.57 2.40 -9.41
N SER C 35 -16.62 2.39 -10.34
CA SER C 35 -15.21 2.40 -10.03
C SER C 35 -14.51 3.57 -10.70
N TRP C 36 -13.32 3.86 -10.20
CA TRP C 36 -12.42 4.82 -10.84
C TRP C 36 -11.14 4.09 -11.22
N VAL C 37 -10.83 4.09 -12.52
CA VAL C 37 -9.62 3.48 -13.07
C VAL C 37 -8.76 4.59 -13.65
N ARG C 38 -7.48 4.59 -13.32
CA ARG C 38 -6.55 5.54 -13.89
C ARG C 38 -5.49 4.82 -14.70
N GLN C 39 -4.90 5.56 -15.63
CA GLN C 39 -3.91 5.02 -16.56
C GLN C 39 -2.81 6.06 -16.74
N ALA C 40 -1.63 5.78 -16.20
CA ALA C 40 -0.50 6.68 -16.35
C ALA C 40 -0.10 6.79 -17.81
N PRO C 41 0.35 7.97 -18.25
CA PRO C 41 0.75 8.14 -19.66
C PRO C 41 1.79 7.13 -20.12
N GLY C 42 1.39 6.23 -21.00
CA GLY C 42 2.29 5.22 -21.51
C GLY C 42 2.38 3.95 -20.69
N LYS C 43 1.47 3.74 -19.74
CA LYS C 43 1.48 2.54 -18.91
C LYS C 43 0.11 1.86 -18.98
N GLY C 44 -0.07 0.85 -18.12
CA GLY C 44 -1.29 0.07 -18.11
C GLY C 44 -2.38 0.71 -17.25
N LEU C 45 -3.43 -0.07 -17.00
CA LEU C 45 -4.60 0.39 -16.26
C LEU C 45 -4.48 0.01 -14.79
N GLU C 46 -4.89 0.93 -13.92
CA GLU C 46 -4.85 0.73 -12.47
C GLU C 46 -6.20 1.08 -11.88
N TRP C 47 -6.84 0.12 -11.21
CA TRP C 47 -8.07 0.37 -10.49
C TRP C 47 -7.78 1.12 -9.21
N VAL C 48 -8.52 2.19 -8.95
CA VAL C 48 -8.24 3.10 -7.86
C VAL C 48 -9.26 2.95 -6.73
N SER C 49 -10.55 2.97 -7.05
CA SER C 49 -11.57 2.93 -6.02
C SER C 49 -12.85 2.33 -6.59
N VAL C 50 -13.78 1.98 -5.69
CA VAL C 50 -15.09 1.47 -6.07
C VAL C 50 -16.07 1.85 -4.98
N ILE C 51 -17.33 2.01 -5.37
CA ILE C 51 -18.42 2.24 -4.42
C ILE C 51 -19.55 1.28 -4.79
N TYR C 52 -20.12 0.64 -3.78
CA TYR C 52 -21.21 -0.30 -3.98
C TYR C 52 -22.55 0.43 -3.97
N SER C 53 -23.59 -0.30 -4.39
CA SER C 53 -24.93 0.25 -4.31
C SER C 53 -25.36 0.45 -2.86
N GLY C 54 -24.83 -0.35 -1.94
CA GLY C 54 -25.14 -0.18 -0.53
C GLY C 54 -24.39 0.95 0.15
N GLY C 55 -23.37 1.49 -0.48
CA GLY C 55 -22.58 2.56 0.07
C GLY C 55 -21.19 2.17 0.52
N SER C 56 -20.82 0.90 0.42
CA SER C 56 -19.49 0.47 0.82
C SER C 56 -18.45 1.00 -0.15
N THR C 57 -17.37 1.56 0.38
CA THR C 57 -16.28 2.09 -0.43
C THR C 57 -15.02 1.27 -0.20
N PHE C 58 -14.22 1.15 -1.26
CA PHE C 58 -12.93 0.47 -1.20
C PHE C 58 -11.93 1.22 -2.08
N TYR C 59 -10.67 1.21 -1.66
CA TYR C 59 -9.62 1.96 -2.33
C TYR C 59 -8.38 1.08 -2.48
N ALA C 60 -7.62 1.32 -3.53
CA ALA C 60 -6.37 0.61 -3.72
C ALA C 60 -5.32 1.13 -2.74
N ASP C 61 -4.33 0.29 -2.45
CA ASP C 61 -3.30 0.67 -1.48
C ASP C 61 -2.50 1.89 -1.91
N SER C 62 -2.58 2.28 -3.19
CA SER C 62 -1.81 3.41 -3.68
C SER C 62 -2.54 4.74 -3.55
N VAL C 63 -3.79 4.74 -3.09
CA VAL C 63 -4.55 5.98 -2.97
C VAL C 63 -5.25 6.02 -1.61
N LYS C 64 -4.94 5.06 -0.74
CA LYS C 64 -5.57 5.01 0.56
C LYS C 64 -5.18 6.22 1.41
N GLY C 65 -6.16 6.78 2.12
CA GLY C 65 -5.96 7.96 2.93
C GLY C 65 -5.92 9.26 2.16
N ARG C 66 -5.85 9.22 0.84
CA ARG C 66 -5.74 10.42 0.03
C ARG C 66 -6.90 10.63 -0.93
N PHE C 67 -7.58 9.57 -1.35
CA PHE C 67 -8.72 9.67 -2.24
C PHE C 67 -10.00 9.35 -1.48
N THR C 68 -11.12 9.89 -1.98
CA THR C 68 -12.43 9.66 -1.39
C THR C 68 -13.46 9.61 -2.51
N ILE C 69 -14.12 8.47 -2.67
CA ILE C 69 -15.14 8.28 -3.71
C ILE C 69 -16.51 8.52 -3.09
N SER C 70 -17.35 9.27 -3.79
CA SER C 70 -18.67 9.64 -3.31
C SER C 70 -19.62 9.70 -4.49
N ARG C 71 -20.87 10.03 -4.21
CA ARG C 71 -21.87 10.13 -5.27
C ARG C 71 -22.98 11.06 -4.80
N ASP C 72 -23.84 11.43 -5.75
CA ASP C 72 -24.99 12.29 -5.48
C ASP C 72 -26.13 11.75 -6.34
N ASN C 73 -27.13 11.15 -5.69
CA ASN C 73 -28.21 10.51 -6.44
C ASN C 73 -29.11 11.53 -7.13
N SER C 74 -29.25 12.73 -6.55
CA SER C 74 -30.09 13.73 -7.18
C SER C 74 -29.51 14.18 -8.52
N LYS C 75 -28.18 14.32 -8.60
CA LYS C 75 -27.50 14.66 -9.83
C LYS C 75 -27.11 13.45 -10.66
N ASN C 76 -27.20 12.25 -10.08
CA ASN C 76 -26.75 11.00 -10.71
C ASN C 76 -25.34 11.16 -11.26
N THR C 77 -24.42 11.49 -10.35
CA THR C 77 -23.04 11.75 -10.71
C THR C 77 -22.12 11.11 -9.69
N LEU C 78 -21.13 10.35 -10.18
CA LEU C 78 -20.09 9.78 -9.33
C LEU C 78 -18.96 10.79 -9.18
N TYR C 79 -18.36 10.81 -7.99
CA TYR C 79 -17.32 11.77 -7.69
C TYR C 79 -16.06 11.06 -7.19
N LEU C 80 -14.93 11.76 -7.30
CA LEU C 80 -13.69 11.27 -6.72
C LEU C 80 -12.91 12.48 -6.24
N GLN C 81 -12.78 12.63 -4.93
CA GLN C 81 -11.99 13.70 -4.34
C GLN C 81 -10.57 13.20 -4.11
N MET C 82 -9.60 13.94 -4.64
CA MET C 82 -8.19 13.57 -4.57
C MET C 82 -7.46 14.62 -3.76
N ASN C 83 -6.79 14.18 -2.69
CA ASN C 83 -6.00 15.07 -1.83
C ASN C 83 -4.56 14.59 -1.81
N SER C 84 -3.65 15.51 -1.48
CA SER C 84 -2.22 15.23 -1.37
C SER C 84 -1.69 14.58 -2.65
N LEU C 85 -1.91 15.24 -3.78
CA LEU C 85 -1.48 14.69 -5.05
C LEU C 85 0.02 14.83 -5.21
N ARG C 86 0.61 13.93 -5.99
CA ARG C 86 2.05 13.94 -6.24
C ARG C 86 2.30 13.59 -7.70
N ALA C 87 3.55 13.28 -8.02
CA ALA C 87 3.91 13.01 -9.41
C ALA C 87 3.25 11.75 -9.93
N GLU C 88 3.18 10.70 -9.10
CA GLU C 88 2.63 9.42 -9.54
C GLU C 88 1.15 9.50 -9.89
N ASP C 89 0.42 10.46 -9.31
CA ASP C 89 -1.01 10.56 -9.54
C ASP C 89 -1.37 11.15 -10.90
N THR C 90 -0.38 11.58 -11.68
CA THR C 90 -0.64 12.06 -13.03
C THR C 90 -1.05 10.90 -13.92
N ALA C 91 -2.27 10.95 -14.44
CA ALA C 91 -2.82 9.88 -15.27
C ALA C 91 -4.12 10.38 -15.90
N VAL C 92 -4.64 9.57 -16.82
CA VAL C 92 -5.98 9.78 -17.37
C VAL C 92 -6.94 8.92 -16.53
N TYR C 93 -7.88 9.58 -15.86
CA TYR C 93 -8.76 8.91 -14.92
C TYR C 93 -10.08 8.55 -15.59
N TYR C 94 -10.47 7.28 -15.49
CA TYR C 94 -11.72 6.78 -16.03
C TYR C 94 -12.65 6.39 -14.89
N CYS C 95 -13.94 6.65 -15.09
CA CYS C 95 -14.98 6.00 -14.31
C CYS C 95 -15.65 4.93 -15.17
N ALA C 96 -16.20 3.92 -14.52
CA ALA C 96 -16.78 2.81 -15.26
C ALA C 96 -17.66 1.99 -14.34
N ARG C 97 -18.73 1.43 -14.91
CA ARG C 97 -19.67 0.60 -14.18
C ARG C 97 -19.18 -0.85 -14.19
N ASP C 98 -19.15 -1.46 -13.02
CA ASP C 98 -18.70 -2.84 -12.86
C ASP C 98 -19.90 -3.79 -12.84
N LEU C 99 -19.82 -4.84 -13.65
CA LEU C 99 -20.80 -5.90 -13.63
C LEU C 99 -20.25 -7.22 -13.10
N ASP C 100 -18.95 -7.28 -12.82
CA ASP C 100 -18.30 -8.41 -12.16
C ASP C 100 -18.52 -9.66 -13.00
N VAL C 101 -19.07 -10.74 -12.45
CA VAL C 101 -19.25 -12.00 -13.19
C VAL C 101 -20.26 -11.86 -14.31
N VAL C 102 -21.19 -10.90 -14.22
CA VAL C 102 -22.32 -10.84 -15.16
C VAL C 102 -22.10 -9.76 -16.21
N GLY C 103 -20.83 -9.47 -16.53
CA GLY C 103 -20.59 -8.54 -17.62
C GLY C 103 -19.31 -7.71 -17.53
N GLY C 104 -18.47 -8.01 -16.54
CA GLY C 104 -17.21 -7.29 -16.44
C GLY C 104 -17.41 -5.81 -16.20
N THR C 105 -16.72 -4.99 -17.02
CA THR C 105 -16.79 -3.53 -16.92
C THR C 105 -17.14 -3.00 -18.31
N ASP C 106 -18.44 -2.94 -18.60
CA ASP C 106 -18.89 -2.73 -19.97
C ASP C 106 -18.71 -1.29 -20.41
N TYR C 107 -19.32 -0.35 -19.69
CA TYR C 107 -19.37 1.05 -20.10
C TYR C 107 -18.31 1.85 -19.35
N TRP C 108 -17.57 2.68 -20.08
CA TRP C 108 -16.47 3.47 -19.56
C TRP C 108 -16.69 4.94 -19.89
N GLY C 109 -16.15 5.80 -19.04
CA GLY C 109 -16.13 7.22 -19.34
C GLY C 109 -15.04 7.56 -20.36
N GLN C 110 -15.15 8.76 -20.93
CA GLN C 110 -14.17 9.16 -21.95
C GLN C 110 -12.81 9.50 -21.33
N GLY C 111 -12.76 9.71 -20.02
CA GLY C 111 -11.49 9.94 -19.35
C GLY C 111 -11.03 11.39 -19.36
N THR C 112 -10.68 11.90 -18.19
CA THR C 112 -10.16 13.24 -18.03
C THR C 112 -8.73 13.18 -17.52
N LEU C 113 -7.90 14.12 -17.98
CA LEU C 113 -6.47 14.11 -17.67
C LEU C 113 -6.19 14.97 -16.44
N VAL C 114 -5.41 14.40 -15.51
CA VAL C 114 -4.98 15.10 -14.29
C VAL C 114 -3.47 15.22 -14.35
N THR C 115 -2.97 16.44 -14.53
CA THR C 115 -1.54 16.71 -14.58
C THR C 115 -1.13 17.41 -13.30
N VAL C 116 -0.29 16.75 -12.50
CA VAL C 116 0.24 17.31 -11.26
C VAL C 116 1.63 17.87 -11.56
N SER C 117 1.75 19.19 -11.52
CA SER C 117 3.01 19.86 -11.83
C SER C 117 3.07 21.18 -11.09
N SER C 118 4.27 21.77 -11.05
CA SER C 118 4.47 23.07 -10.44
C SER C 118 4.79 24.12 -11.48
N ALA C 119 4.06 24.10 -12.60
CA ALA C 119 4.30 25.02 -13.70
C ALA C 119 3.03 25.80 -14.01
N SER C 120 3.21 26.94 -14.65
CA SER C 120 2.09 27.79 -15.03
C SER C 120 1.40 27.24 -16.28
N THR C 121 0.11 27.56 -16.41
CA THR C 121 -0.65 27.19 -17.59
C THR C 121 -0.57 28.34 -18.59
N LYS C 122 0.10 28.12 -19.71
CA LYS C 122 0.16 29.09 -20.80
C LYS C 122 -0.75 28.64 -21.93
N GLY C 123 -1.54 29.58 -22.46
CA GLY C 123 -2.41 29.30 -23.56
C GLY C 123 -1.65 29.04 -24.84
N PRO C 124 -2.23 28.23 -25.73
CA PRO C 124 -1.55 27.94 -27.00
C PRO C 124 -1.50 29.16 -27.90
N SER C 125 -0.78 28.99 -29.02
CA SER C 125 -0.72 29.97 -30.09
C SER C 125 -0.97 29.24 -31.40
N VAL C 126 -2.07 29.56 -32.07
CA VAL C 126 -2.48 28.86 -33.28
C VAL C 126 -2.04 29.66 -34.49
N PHE C 127 -1.21 29.05 -35.34
CA PHE C 127 -0.73 29.67 -36.56
C PHE C 127 -1.11 28.81 -37.77
N PRO C 128 -1.54 29.43 -38.87
CA PRO C 128 -1.96 28.66 -40.03
C PRO C 128 -0.76 28.09 -40.79
N LEU C 129 -1.07 27.14 -41.67
CA LEU C 129 -0.09 26.49 -42.56
C LEU C 129 -0.71 26.49 -43.96
N ALA C 130 -0.46 27.54 -44.72
CA ALA C 130 -1.12 27.68 -46.02
C ALA C 130 -0.54 26.69 -47.03
N PRO C 131 -1.37 26.10 -47.88
CA PRO C 131 -0.86 25.18 -48.90
C PRO C 131 -0.11 25.92 -50.00
N SER C 132 0.89 25.26 -50.56
CA SER C 132 1.70 25.80 -51.63
C SER C 132 1.23 25.20 -52.97
N SER C 133 2.10 25.23 -53.97
CA SER C 133 1.76 24.70 -55.28
C SER C 133 1.99 23.20 -55.38
N GLY C 139 -0.84 15.93 -56.78
CA GLY C 139 -2.24 15.86 -57.18
C GLY C 139 -3.16 16.66 -56.29
N THR C 140 -3.24 16.26 -55.02
CA THR C 140 -4.06 16.96 -54.03
C THR C 140 -3.18 17.88 -53.20
N ALA C 141 -3.82 18.67 -52.35
CA ALA C 141 -3.15 19.67 -51.53
C ALA C 141 -3.33 19.33 -50.05
N ALA C 142 -2.58 20.05 -49.21
CA ALA C 142 -2.59 19.82 -47.78
C ALA C 142 -2.47 21.15 -47.05
N LEU C 143 -3.11 21.24 -45.89
CA LEU C 143 -3.04 22.42 -45.03
C LEU C 143 -3.30 21.99 -43.59
N GLY C 144 -3.17 22.94 -42.68
CA GLY C 144 -3.42 22.64 -41.28
C GLY C 144 -3.13 23.83 -40.38
N CYS C 145 -3.21 23.56 -39.08
CA CYS C 145 -2.92 24.54 -38.04
C CYS C 145 -1.72 24.06 -37.22
N LEU C 146 -1.08 25.01 -36.54
CA LEU C 146 0.08 24.76 -35.68
C LEU C 146 -0.23 25.30 -34.29
N VAL C 147 -0.37 24.39 -33.32
CA VAL C 147 -0.70 24.74 -31.94
C VAL C 147 0.62 24.74 -31.15
N LYS C 148 1.19 25.93 -30.96
CA LYS C 148 2.54 26.06 -30.41
C LYS C 148 2.50 26.75 -29.05
N ASP C 149 3.45 26.38 -28.19
CA ASP C 149 3.70 27.02 -26.91
C ASP C 149 2.50 26.95 -25.98
N TYR C 150 2.29 25.81 -25.33
CA TYR C 150 1.17 25.65 -24.40
C TYR C 150 1.54 24.65 -23.34
N PHE C 151 0.84 24.74 -22.20
CA PHE C 151 1.06 23.83 -21.09
C PHE C 151 -0.15 23.88 -20.18
N PRO C 152 -0.60 22.75 -19.62
CA PRO C 152 -0.10 21.41 -19.96
C PRO C 152 -0.98 20.69 -20.97
N GLU C 153 -0.71 19.40 -21.18
CA GLU C 153 -1.57 18.59 -22.03
C GLU C 153 -2.97 18.51 -21.42
N PRO C 154 -4.00 18.31 -22.26
CA PRO C 154 -3.93 18.24 -23.72
C PRO C 154 -4.64 19.39 -24.41
N VAL C 155 -4.55 19.43 -25.74
CA VAL C 155 -5.31 20.35 -26.58
C VAL C 155 -6.11 19.53 -27.57
N THR C 156 -7.40 19.83 -27.69
CA THR C 156 -8.29 19.15 -28.62
C THR C 156 -8.44 20.02 -29.87
N VAL C 157 -8.13 19.45 -31.03
CA VAL C 157 -8.17 20.17 -32.30
C VAL C 157 -9.11 19.43 -33.24
N SER C 158 -10.12 20.15 -33.74
CA SER C 158 -11.05 19.63 -34.72
C SER C 158 -11.17 20.62 -35.87
N TRP C 159 -11.76 20.16 -36.96
CA TRP C 159 -11.95 20.97 -38.17
C TRP C 159 -13.42 21.06 -38.50
N ASN C 160 -13.91 22.30 -38.68
CA ASN C 160 -15.32 22.57 -39.00
C ASN C 160 -16.26 22.01 -37.94
N SER C 161 -15.85 22.13 -36.67
CA SER C 161 -16.61 21.65 -35.52
C SER C 161 -16.91 20.16 -35.63
N GLY C 162 -15.89 19.39 -36.02
CA GLY C 162 -16.01 17.95 -36.13
C GLY C 162 -16.68 17.44 -37.38
N ALA C 163 -17.06 18.33 -38.31
CA ALA C 163 -17.73 17.91 -39.53
C ALA C 163 -16.78 17.29 -40.54
N LEU C 164 -15.47 17.54 -40.41
CA LEU C 164 -14.46 17.02 -41.31
C LEU C 164 -13.65 15.98 -40.55
N THR C 165 -13.96 14.70 -40.79
CA THR C 165 -13.30 13.59 -40.15
C THR C 165 -12.25 12.94 -41.04
N SER C 166 -12.62 12.59 -42.27
CA SER C 166 -11.71 11.87 -43.15
C SER C 166 -10.56 12.75 -43.59
N GLY C 167 -9.34 12.21 -43.51
CA GLY C 167 -8.16 12.88 -44.01
C GLY C 167 -7.39 13.69 -42.99
N VAL C 168 -7.87 13.80 -41.76
CA VAL C 168 -7.27 14.64 -40.74
C VAL C 168 -6.24 13.84 -39.95
N HIS C 169 -5.08 14.43 -39.72
CA HIS C 169 -4.00 13.83 -38.93
C HIS C 169 -3.60 14.83 -37.85
N THR C 170 -3.99 14.56 -36.61
CA THR C 170 -3.60 15.38 -35.47
C THR C 170 -2.41 14.71 -34.78
N PHE C 171 -1.25 15.36 -34.84
CA PHE C 171 -0.02 14.74 -34.36
C PHE C 171 0.12 14.87 -32.85
N PRO C 172 0.82 13.93 -32.22
CA PRO C 172 1.09 14.06 -30.79
C PRO C 172 1.97 15.27 -30.50
N ALA C 173 1.79 15.82 -29.31
CA ALA C 173 2.57 16.98 -28.90
C ALA C 173 4.02 16.57 -28.63
N VAL C 174 4.92 17.54 -28.80
CA VAL C 174 6.33 17.35 -28.49
C VAL C 174 6.71 18.35 -27.41
N LEU C 175 7.59 17.91 -26.50
CA LEU C 175 8.08 18.75 -25.43
C LEU C 175 9.31 19.49 -25.94
N GLN C 176 9.13 20.76 -26.29
CA GLN C 176 10.27 21.53 -26.75
C GLN C 176 11.12 21.99 -25.55
N SER C 177 12.30 22.53 -25.86
CA SER C 177 13.25 22.88 -24.80
C SER C 177 12.70 23.95 -23.88
N SER C 178 11.83 24.83 -24.38
CA SER C 178 11.23 25.90 -23.59
C SER C 178 10.21 25.39 -22.54
N GLY C 179 10.14 24.08 -22.27
CA GLY C 179 9.20 23.53 -21.31
C GLY C 179 7.78 23.42 -21.81
N LEU C 180 7.42 24.17 -22.84
CA LEU C 180 6.07 24.14 -23.37
C LEU C 180 5.91 23.00 -24.37
N TYR C 181 4.69 22.84 -24.89
CA TYR C 181 4.39 21.82 -25.87
C TYR C 181 4.20 22.46 -27.25
N SER C 182 4.12 21.61 -28.26
CA SER C 182 3.81 22.04 -29.62
C SER C 182 3.14 20.89 -30.34
N LEU C 183 2.05 21.18 -31.04
CA LEU C 183 1.22 20.16 -31.66
C LEU C 183 0.84 20.60 -33.06
N SER C 184 0.90 19.67 -34.01
CA SER C 184 0.54 19.93 -35.39
C SER C 184 -0.71 19.14 -35.76
N SER C 185 -1.62 19.80 -36.47
CA SER C 185 -2.82 19.15 -37.00
C SER C 185 -2.98 19.55 -38.45
N VAL C 186 -3.11 18.56 -39.33
CA VAL C 186 -3.18 18.77 -40.76
C VAL C 186 -4.36 17.99 -41.34
N VAL C 187 -4.78 18.37 -42.54
CA VAL C 187 -5.85 17.70 -43.25
C VAL C 187 -5.63 17.88 -44.74
N THR C 188 -5.63 16.76 -45.47
CA THR C 188 -5.52 16.80 -46.92
C THR C 188 -6.91 16.90 -47.54
N VAL C 189 -7.10 17.89 -48.41
CA VAL C 189 -8.39 18.13 -49.04
C VAL C 189 -8.20 18.24 -50.54
N PRO C 190 -9.23 17.95 -51.34
CA PRO C 190 -9.10 18.15 -52.80
C PRO C 190 -8.81 19.60 -53.14
N SER C 191 -7.93 19.79 -54.12
CA SER C 191 -7.52 21.13 -54.52
C SER C 191 -8.66 21.93 -55.14
N SER C 192 -9.69 21.27 -55.67
CA SER C 192 -10.78 21.99 -56.33
C SER C 192 -11.57 22.81 -55.32
N SER C 193 -12.01 22.18 -54.22
CA SER C 193 -12.81 22.87 -53.21
C SER C 193 -11.88 23.55 -52.21
N LEU C 194 -11.18 24.56 -52.70
CA LEU C 194 -10.32 25.41 -51.89
C LEU C 194 -10.96 26.76 -51.58
N GLY C 195 -11.43 27.46 -52.60
CA GLY C 195 -12.06 28.76 -52.38
C GLY C 195 -13.53 28.67 -52.00
N THR C 196 -14.21 27.59 -52.40
CA THR C 196 -15.62 27.42 -52.08
C THR C 196 -15.85 26.81 -50.71
N GLN C 197 -14.93 25.95 -50.26
CA GLN C 197 -15.04 25.31 -48.95
C GLN C 197 -14.07 25.99 -47.99
N THR C 198 -14.59 26.51 -46.88
CA THR C 198 -13.77 27.16 -45.87
C THR C 198 -13.37 26.16 -44.80
N TYR C 199 -12.12 26.26 -44.35
CA TYR C 199 -11.58 25.37 -43.32
C TYR C 199 -11.21 26.19 -42.10
N ILE C 200 -11.65 25.72 -40.93
CA ILE C 200 -11.37 26.38 -39.66
C ILE C 200 -11.00 25.31 -38.64
N CYS C 201 -9.84 25.47 -38.01
CA CYS C 201 -9.41 24.55 -36.96
C CYS C 201 -9.90 25.05 -35.61
N ASN C 202 -10.38 24.12 -34.78
CA ASN C 202 -10.95 24.44 -33.47
C ASN C 202 -10.02 23.93 -32.38
N VAL C 203 -9.25 24.83 -31.78
CA VAL C 203 -8.25 24.48 -30.78
C VAL C 203 -8.79 24.84 -29.40
N ASN C 204 -8.86 23.85 -28.51
CA ASN C 204 -9.36 24.04 -27.15
C ASN C 204 -8.28 23.62 -26.16
N HIS C 205 -8.08 24.45 -25.14
CA HIS C 205 -7.12 24.19 -24.07
C HIS C 205 -7.87 24.31 -22.74
N LYS C 206 -8.38 23.20 -22.23
CA LYS C 206 -9.11 23.23 -20.97
C LYS C 206 -8.28 23.74 -19.79
N PRO C 207 -7.01 23.36 -19.61
CA PRO C 207 -6.27 23.86 -18.44
C PRO C 207 -6.17 25.37 -18.37
N SER C 208 -5.98 26.05 -19.51
CA SER C 208 -5.88 27.50 -19.52
C SER C 208 -7.17 28.19 -19.94
N ASN C 209 -8.21 27.42 -20.27
CA ASN C 209 -9.50 27.94 -20.69
C ASN C 209 -9.34 28.88 -21.89
N THR C 210 -8.79 28.33 -22.97
CA THR C 210 -8.50 29.07 -24.19
C THR C 210 -9.04 28.31 -25.38
N LYS C 211 -10.10 28.84 -26.00
CA LYS C 211 -10.65 28.28 -27.23
C LYS C 211 -10.41 29.25 -28.36
N VAL C 212 -9.80 28.77 -29.44
CA VAL C 212 -9.41 29.61 -30.58
C VAL C 212 -9.83 28.91 -31.86
N ASP C 213 -10.54 29.65 -32.72
CA ASP C 213 -10.86 29.21 -34.07
C ASP C 213 -10.09 30.06 -35.05
N LYS C 214 -9.32 29.42 -35.94
CA LYS C 214 -8.41 30.11 -36.84
C LYS C 214 -8.70 29.74 -38.28
N ARG C 215 -8.76 30.74 -39.15
CA ARG C 215 -9.00 30.52 -40.57
C ARG C 215 -7.69 30.22 -41.28
N VAL C 216 -7.73 29.27 -42.21
CA VAL C 216 -6.58 28.90 -43.02
C VAL C 216 -6.94 29.11 -44.48
N GLU C 217 -6.12 29.88 -45.18
CA GLU C 217 -6.34 30.19 -46.59
C GLU C 217 -4.99 30.45 -47.24
N PRO C 218 -4.84 30.15 -48.53
CA PRO C 218 -3.55 30.38 -49.19
C PRO C 218 -3.21 31.86 -49.25
N LYS C 219 -1.90 32.12 -49.42
CA LYS C 219 -1.37 33.48 -49.43
C LYS C 219 -1.90 34.29 -50.61
N GLU D 1 -3.14 -10.81 -3.09
CA GLU D 1 -3.55 -10.31 -4.40
C GLU D 1 -3.23 -11.31 -5.50
N ILE D 2 -3.59 -10.96 -6.73
CA ILE D 2 -3.33 -11.79 -7.90
C ILE D 2 -2.60 -10.94 -8.93
N VAL D 3 -1.49 -11.46 -9.45
CA VAL D 3 -0.71 -10.79 -10.47
C VAL D 3 -1.10 -11.37 -11.83
N LEU D 4 -1.23 -10.51 -12.83
CA LEU D 4 -1.59 -10.90 -14.18
C LEU D 4 -0.42 -10.61 -15.11
N THR D 5 -0.08 -11.59 -15.95
CA THR D 5 1.05 -11.49 -16.86
C THR D 5 0.62 -11.95 -18.25
N GLN D 6 0.73 -11.05 -19.23
CA GLN D 6 0.35 -11.35 -20.60
C GLN D 6 1.59 -11.65 -21.45
N SER D 7 1.34 -12.22 -22.63
CA SER D 7 2.41 -12.53 -23.56
C SER D 7 1.80 -12.81 -24.92
N PRO D 8 2.41 -12.34 -26.02
CA PRO D 8 3.66 -11.56 -26.02
C PRO D 8 3.42 -10.08 -25.72
N GLY D 9 4.47 -9.27 -25.82
CA GLY D 9 4.35 -7.86 -25.57
C GLY D 9 3.88 -7.10 -26.79
N THR D 10 4.45 -7.43 -27.95
CA THR D 10 4.07 -6.84 -29.22
C THR D 10 3.86 -7.96 -30.23
N LEU D 11 2.83 -7.80 -31.07
CA LEU D 11 2.45 -8.83 -32.04
C LEU D 11 2.12 -8.13 -33.35
N SER D 12 2.92 -8.37 -34.39
CA SER D 12 2.74 -7.76 -35.69
C SER D 12 2.35 -8.83 -36.70
N LEU D 13 1.12 -8.75 -37.21
CA LEU D 13 0.57 -9.72 -38.14
C LEU D 13 -0.09 -9.01 -39.31
N SER D 14 -0.16 -9.70 -40.44
CA SER D 14 -0.82 -9.17 -41.63
C SER D 14 -2.34 -9.27 -41.47
N PRO D 15 -3.08 -8.42 -42.19
CA PRO D 15 -4.55 -8.51 -42.14
C PRO D 15 -5.04 -9.84 -42.71
N GLY D 16 -5.91 -10.51 -41.96
CA GLY D 16 -6.40 -11.82 -42.33
C GLY D 16 -5.76 -12.97 -41.56
N GLU D 17 -4.68 -12.72 -40.83
CA GLU D 17 -4.02 -13.76 -40.06
C GLU D 17 -4.75 -13.98 -38.74
N ARG D 18 -4.24 -14.93 -37.96
CA ARG D 18 -4.83 -15.29 -36.68
C ARG D 18 -3.91 -14.87 -35.55
N ALA D 19 -4.45 -14.16 -34.56
CA ALA D 19 -3.71 -13.70 -33.41
C ALA D 19 -4.07 -14.55 -32.18
N THR D 20 -3.10 -14.71 -31.30
CA THR D 20 -3.28 -15.51 -30.07
C THR D 20 -2.63 -14.76 -28.92
N LEU D 21 -3.44 -14.14 -28.07
CA LEU D 21 -2.96 -13.34 -26.97
C LEU D 21 -3.12 -14.12 -25.67
N SER D 22 -2.02 -14.36 -24.99
CA SER D 22 -2.01 -15.17 -23.77
C SER D 22 -2.12 -14.28 -22.54
N CYS D 23 -2.57 -14.90 -21.44
CA CYS D 23 -2.77 -14.23 -20.17
C CYS D 23 -2.85 -15.29 -19.09
N ARG D 24 -2.13 -15.08 -17.99
CA ARG D 24 -2.12 -16.06 -16.91
C ARG D 24 -2.15 -15.34 -15.56
N ALA D 25 -2.76 -16.00 -14.58
CA ALA D 25 -2.89 -15.47 -13.24
C ALA D 25 -1.95 -16.18 -12.28
N SER D 26 -1.55 -15.46 -11.22
CA SER D 26 -0.66 -16.06 -10.23
C SER D 26 -1.33 -17.20 -9.48
N GLN D 27 -2.65 -17.13 -9.30
CA GLN D 27 -3.41 -18.16 -8.60
C GLN D 27 -4.46 -18.75 -9.53
N SER D 28 -4.76 -20.03 -9.33
CA SER D 28 -5.74 -20.74 -10.15
C SER D 28 -7.13 -20.27 -9.76
N VAL D 29 -7.71 -19.40 -10.59
CA VAL D 29 -9.02 -18.84 -10.34
C VAL D 29 -10.02 -19.47 -11.30
N SER D 30 -11.30 -19.18 -11.07
CA SER D 30 -12.35 -19.70 -11.93
C SER D 30 -12.34 -18.98 -13.27
N SER D 31 -12.79 -19.69 -14.31
CA SER D 31 -12.85 -19.09 -15.63
C SER D 31 -13.83 -17.93 -15.71
N SER D 32 -14.77 -17.84 -14.77
CA SER D 32 -15.78 -16.79 -14.78
C SER D 32 -15.26 -15.46 -14.24
N TYR D 33 -14.03 -15.40 -13.76
CA TYR D 33 -13.48 -14.20 -13.16
C TYR D 33 -12.52 -13.44 -14.07
N LEU D 34 -12.45 -13.79 -15.35
CA LEU D 34 -11.52 -13.17 -16.29
C LEU D 34 -12.28 -12.35 -17.33
N ALA D 35 -11.59 -11.37 -17.89
CA ALA D 35 -12.20 -10.51 -18.91
C ALA D 35 -11.10 -9.86 -19.75
N TRP D 36 -11.42 -9.61 -21.02
CA TRP D 36 -10.50 -9.01 -21.98
C TRP D 36 -11.03 -7.64 -22.40
N TYR D 37 -10.12 -6.69 -22.55
CA TYR D 37 -10.46 -5.33 -22.94
C TYR D 37 -9.56 -4.88 -24.08
N GLN D 38 -10.15 -4.16 -25.03
CA GLN D 38 -9.41 -3.57 -26.14
C GLN D 38 -9.37 -2.06 -25.95
N GLN D 39 -8.18 -1.48 -26.09
CA GLN D 39 -8.00 -0.04 -25.97
C GLN D 39 -7.28 0.47 -27.20
N LYS D 40 -8.00 1.14 -28.08
CA LYS D 40 -7.37 1.81 -29.20
C LYS D 40 -6.81 3.16 -28.76
N PRO D 41 -5.78 3.67 -29.44
CA PRO D 41 -5.15 4.92 -29.00
C PRO D 41 -6.15 6.06 -28.88
N GLY D 42 -6.04 6.82 -27.78
CA GLY D 42 -6.89 7.96 -27.55
C GLY D 42 -8.29 7.64 -27.05
N GLN D 43 -8.61 6.36 -26.86
CA GLN D 43 -9.93 5.94 -26.42
C GLN D 43 -9.84 5.26 -25.06
N ALA D 44 -10.98 5.18 -24.40
CA ALA D 44 -11.08 4.34 -23.22
C ALA D 44 -11.18 2.87 -23.63
N PRO D 45 -10.75 1.96 -22.77
CA PRO D 45 -10.92 0.54 -23.09
C PRO D 45 -12.39 0.16 -23.19
N ARG D 46 -12.69 -0.75 -24.11
CA ARG D 46 -14.03 -1.30 -24.24
C ARG D 46 -13.98 -2.80 -23.99
N LEU D 47 -15.01 -3.31 -23.34
CA LEU D 47 -15.07 -4.74 -23.03
C LEU D 47 -15.21 -5.55 -24.31
N LEU D 48 -14.37 -6.59 -24.44
CA LEU D 48 -14.49 -7.55 -25.52
C LEU D 48 -15.15 -8.84 -25.07
N ILE D 49 -14.69 -9.39 -23.95
CA ILE D 49 -15.13 -10.69 -23.46
C ILE D 49 -15.10 -10.66 -21.94
N TYR D 50 -16.17 -11.15 -21.31
CA TYR D 50 -16.20 -11.37 -19.87
C TYR D 50 -16.41 -12.85 -19.59
N GLY D 51 -15.99 -13.27 -18.40
CA GLY D 51 -16.07 -14.69 -18.07
C GLY D 51 -15.21 -15.57 -18.95
N ALA D 52 -14.10 -15.03 -19.47
CA ALA D 52 -13.11 -15.75 -20.27
C ALA D 52 -13.61 -16.11 -21.67
N SER D 53 -14.87 -16.49 -21.80
CA SER D 53 -15.36 -17.06 -23.05
C SER D 53 -16.61 -16.42 -23.62
N SER D 54 -17.32 -15.59 -22.86
CA SER D 54 -18.56 -15.00 -23.33
C SER D 54 -18.29 -13.65 -23.99
N ARG D 55 -18.82 -13.47 -25.19
CA ARG D 55 -18.58 -12.26 -25.96
C ARG D 55 -19.56 -11.16 -25.57
N ALA D 56 -19.05 -9.94 -25.43
CA ALA D 56 -19.88 -8.81 -25.06
C ALA D 56 -20.83 -8.45 -26.20
N THR D 57 -21.75 -7.54 -25.90
CA THR D 57 -22.79 -7.17 -26.86
C THR D 57 -22.23 -6.22 -27.91
N GLY D 58 -22.40 -6.59 -29.18
CA GLY D 58 -21.92 -5.79 -30.28
C GLY D 58 -20.50 -6.06 -30.72
N ILE D 59 -19.82 -7.01 -30.09
CA ILE D 59 -18.45 -7.36 -30.45
C ILE D 59 -18.49 -8.35 -31.61
N PRO D 60 -17.66 -8.18 -32.64
CA PRO D 60 -17.73 -9.06 -33.81
C PRO D 60 -17.43 -10.52 -33.45
N ASP D 61 -17.83 -11.42 -34.36
CA ASP D 61 -17.67 -12.85 -34.14
C ASP D 61 -16.19 -13.26 -34.05
N ARG D 62 -15.30 -12.50 -34.71
CA ARG D 62 -13.91 -12.90 -34.79
C ARG D 62 -13.20 -12.84 -33.44
N PHE D 63 -13.76 -12.13 -32.46
CA PHE D 63 -13.19 -12.07 -31.12
C PHE D 63 -13.78 -13.19 -30.28
N SER D 64 -12.94 -14.12 -29.85
CA SER D 64 -13.38 -15.26 -29.03
C SER D 64 -12.34 -15.52 -27.94
N GLY D 65 -12.82 -16.03 -26.82
CA GLY D 65 -11.96 -16.30 -25.68
C GLY D 65 -12.18 -17.70 -25.14
N SER D 66 -11.16 -18.19 -24.43
CA SER D 66 -11.17 -19.55 -23.89
C SER D 66 -10.13 -19.63 -22.76
N GLY D 67 -10.17 -20.73 -22.03
CA GLY D 67 -9.21 -21.00 -20.99
C GLY D 67 -9.84 -21.00 -19.60
N SER D 68 -9.15 -21.66 -18.66
CA SER D 68 -9.58 -21.74 -17.27
C SER D 68 -8.35 -22.02 -16.41
N GLY D 69 -8.52 -21.79 -15.10
CA GLY D 69 -7.42 -21.98 -14.16
C GLY D 69 -6.41 -20.86 -14.20
N THR D 70 -5.34 -21.04 -14.97
CA THR D 70 -4.30 -20.02 -15.13
C THR D 70 -3.79 -19.95 -16.56
N ASP D 71 -4.66 -20.24 -17.53
CA ASP D 71 -4.28 -20.30 -18.96
C ASP D 71 -5.45 -19.78 -19.77
N PHE D 72 -5.54 -18.45 -19.92
CA PHE D 72 -6.61 -17.80 -20.65
C PHE D 72 -6.09 -17.25 -21.97
N THR D 73 -6.91 -17.31 -23.01
CA THR D 73 -6.49 -16.99 -24.36
C THR D 73 -7.53 -16.08 -25.02
N LEU D 74 -7.05 -15.10 -25.78
CA LEU D 74 -7.88 -14.26 -26.64
C LEU D 74 -7.44 -14.49 -28.08
N THR D 75 -8.36 -14.94 -28.92
CA THR D 75 -8.08 -15.22 -30.32
C THR D 75 -8.77 -14.20 -31.20
N ILE D 76 -8.00 -13.60 -32.10
CA ILE D 76 -8.53 -12.62 -33.06
C ILE D 76 -8.30 -13.20 -34.45
N SER D 77 -9.25 -14.02 -34.92
CA SER D 77 -9.19 -14.51 -36.29
C SER D 77 -9.62 -13.41 -37.26
N ARG D 78 -9.15 -13.54 -38.50
CA ARG D 78 -9.45 -12.58 -39.56
C ARG D 78 -9.13 -11.15 -39.13
N LEU D 79 -7.85 -10.95 -38.80
CA LEU D 79 -7.39 -9.66 -38.28
C LEU D 79 -7.67 -8.55 -39.29
N GLU D 80 -8.29 -7.46 -38.83
CA GLU D 80 -8.61 -6.33 -39.69
C GLU D 80 -7.77 -5.11 -39.31
N PRO D 81 -7.55 -4.18 -40.24
CA PRO D 81 -6.72 -3.00 -39.92
C PRO D 81 -7.26 -2.16 -38.78
N GLU D 82 -8.53 -2.29 -38.42
CA GLU D 82 -9.10 -1.55 -37.29
C GLU D 82 -8.88 -2.26 -35.97
N ASP D 83 -8.17 -3.37 -35.95
CA ASP D 83 -7.84 -4.08 -34.73
C ASP D 83 -6.54 -3.62 -34.10
N PHE D 84 -5.92 -2.58 -34.65
CA PHE D 84 -4.73 -1.98 -34.06
C PHE D 84 -5.08 -1.38 -32.71
N ALA D 85 -4.62 -2.01 -31.63
CA ALA D 85 -4.91 -1.57 -30.27
C ALA D 85 -4.03 -2.34 -29.31
N VAL D 86 -4.12 -1.96 -28.02
CA VAL D 86 -3.52 -2.71 -26.94
C VAL D 86 -4.64 -3.48 -26.23
N TYR D 87 -4.40 -4.76 -25.96
CA TYR D 87 -5.40 -5.64 -25.38
C TYR D 87 -4.99 -6.03 -23.96
N TYR D 88 -5.86 -5.76 -23.00
CA TYR D 88 -5.62 -6.06 -21.60
C TYR D 88 -6.55 -7.17 -21.13
N CYS D 89 -6.03 -8.06 -20.30
CA CYS D 89 -6.85 -8.97 -19.52
C CYS D 89 -6.93 -8.49 -18.09
N GLN D 90 -8.10 -8.65 -17.48
CA GLN D 90 -8.30 -8.27 -16.09
C GLN D 90 -8.95 -9.42 -15.34
N GLN D 91 -8.79 -9.40 -14.02
CA GLN D 91 -9.42 -10.37 -13.14
C GLN D 91 -10.09 -9.63 -11.99
N TYR D 92 -11.33 -10.01 -11.68
CA TYR D 92 -12.07 -9.43 -10.57
C TYR D 92 -12.40 -10.49 -9.52
N GLY D 93 -11.54 -11.51 -9.40
CA GLY D 93 -11.67 -12.48 -8.34
C GLY D 93 -11.10 -12.05 -7.01
N SER D 94 -10.13 -11.13 -7.03
CA SER D 94 -9.56 -10.60 -5.79
C SER D 94 -10.31 -9.33 -5.36
N SER D 95 -11.61 -9.51 -5.14
CA SER D 95 -12.47 -8.42 -4.73
C SER D 95 -12.01 -7.85 -3.39
N PRO D 96 -12.19 -6.54 -3.15
CA PRO D 96 -12.78 -5.56 -4.07
C PRO D 96 -11.79 -5.07 -5.12
N GLY D 97 -12.31 -4.57 -6.23
CA GLY D 97 -11.47 -4.09 -7.31
C GLY D 97 -10.95 -5.22 -8.19
N TYR D 98 -10.33 -4.83 -9.29
CA TYR D 98 -9.78 -5.77 -10.25
C TYR D 98 -8.30 -5.46 -10.50
N THR D 99 -7.63 -6.41 -11.16
CA THR D 99 -6.21 -6.32 -11.46
C THR D 99 -6.02 -6.52 -12.96
N PHE D 100 -5.43 -5.52 -13.62
CA PHE D 100 -5.24 -5.57 -15.07
C PHE D 100 -3.92 -6.23 -15.44
N GLY D 101 -3.82 -6.61 -16.72
CA GLY D 101 -2.62 -7.20 -17.24
C GLY D 101 -1.65 -6.17 -17.78
N GLN D 102 -0.44 -6.63 -18.09
CA GLN D 102 0.60 -5.72 -18.57
C GLN D 102 0.24 -5.14 -19.93
N GLY D 103 -0.58 -5.84 -20.71
CA GLY D 103 -1.03 -5.34 -22.01
C GLY D 103 -0.24 -5.89 -23.17
N THR D 104 -0.94 -6.35 -24.20
CA THR D 104 -0.34 -6.85 -25.42
C THR D 104 -0.62 -5.85 -26.55
N LYS D 105 0.44 -5.29 -27.12
CA LYS D 105 0.32 -4.35 -28.23
C LYS D 105 0.27 -5.13 -29.54
N VAL D 106 -0.73 -4.83 -30.37
CA VAL D 106 -0.94 -5.55 -31.63
C VAL D 106 -0.75 -4.55 -32.76
N ASP D 107 0.38 -4.65 -33.44
CA ASP D 107 0.63 -3.87 -34.65
C ASP D 107 0.12 -4.64 -35.86
N ILE D 108 -0.14 -3.91 -36.94
CA ILE D 108 -0.73 -4.48 -38.14
C ILE D 108 0.15 -4.15 -39.33
N LYS D 109 0.58 -5.18 -40.04
CA LYS D 109 1.46 -5.00 -41.18
C LYS D 109 0.64 -4.76 -42.46
N ARG D 110 1.32 -4.27 -43.50
CA ARG D 110 0.68 -4.08 -44.81
C ARG D 110 1.71 -3.93 -45.92
N THR D 111 1.30 -3.35 -47.05
CA THR D 111 2.20 -3.12 -48.17
C THR D 111 2.90 -1.78 -48.01
N VAL D 112 4.12 -1.70 -48.57
CA VAL D 112 4.88 -0.46 -48.51
C VAL D 112 4.11 0.64 -49.23
N ALA D 113 4.17 1.85 -48.66
CA ALA D 113 3.49 3.00 -49.22
C ALA D 113 4.41 4.20 -49.13
N ALA D 114 4.55 4.92 -50.24
CA ALA D 114 5.40 6.09 -50.28
C ALA D 114 4.71 7.28 -49.62
N PRO D 115 5.44 8.11 -48.88
CA PRO D 115 4.82 9.28 -48.25
C PRO D 115 4.64 10.44 -49.21
N SER D 116 3.62 11.24 -48.94
CA SER D 116 3.37 12.49 -49.64
C SER D 116 3.98 13.63 -48.82
N VAL D 117 4.98 14.29 -49.39
CA VAL D 117 5.77 15.27 -48.65
C VAL D 117 5.24 16.67 -48.96
N PHE D 118 4.79 17.37 -47.92
CA PHE D 118 4.43 18.77 -48.00
C PHE D 118 5.31 19.57 -47.05
N ILE D 119 5.54 20.83 -47.37
CA ILE D 119 6.35 21.72 -46.55
C ILE D 119 5.59 23.03 -46.35
N PHE D 120 5.53 23.50 -45.10
CA PHE D 120 4.76 24.69 -44.75
C PHE D 120 5.70 25.76 -44.20
N PRO D 121 5.80 26.93 -44.84
CA PRO D 121 6.60 28.01 -44.28
C PRO D 121 5.95 28.58 -43.03
N PRO D 122 6.68 29.36 -42.23
CA PRO D 122 6.07 29.97 -41.04
C PRO D 122 5.11 31.08 -41.42
N SER D 123 4.03 31.18 -40.65
CA SER D 123 3.01 32.19 -40.91
C SER D 123 3.52 33.59 -40.58
N ASP D 124 2.89 34.59 -41.20
CA ASP D 124 3.21 35.98 -40.90
C ASP D 124 2.78 36.35 -39.49
N GLU D 125 1.67 35.79 -39.01
CA GLU D 125 1.23 36.04 -37.63
C GLU D 125 2.26 35.54 -36.62
N GLN D 126 3.10 34.57 -37.00
CA GLN D 126 4.10 34.04 -36.10
C GLN D 126 5.40 34.83 -36.14
N LEU D 127 5.82 35.27 -37.34
CA LEU D 127 7.08 36.01 -37.48
C LEU D 127 7.09 37.28 -36.63
N LYS D 128 5.92 37.84 -36.32
CA LYS D 128 5.89 39.03 -35.48
C LYS D 128 6.22 38.74 -34.02
N SER D 129 6.21 37.48 -33.61
CA SER D 129 6.52 37.13 -32.22
C SER D 129 7.99 36.86 -31.99
N GLY D 130 8.80 36.72 -33.04
CA GLY D 130 10.22 36.48 -32.90
C GLY D 130 10.68 35.09 -33.27
N THR D 131 9.77 34.12 -33.42
CA THR D 131 10.12 32.76 -33.79
C THR D 131 9.58 32.44 -35.18
N ALA D 132 10.28 31.53 -35.87
CA ALA D 132 9.89 31.09 -37.21
C ALA D 132 9.94 29.57 -37.25
N SER D 133 8.79 28.94 -37.45
CA SER D 133 8.66 27.49 -37.45
C SER D 133 8.38 27.01 -38.87
N VAL D 134 9.35 26.32 -39.45
CA VAL D 134 9.16 25.63 -40.72
C VAL D 134 8.67 24.22 -40.43
N VAL D 135 7.67 23.76 -41.19
CA VAL D 135 7.01 22.49 -40.94
C VAL D 135 7.10 21.64 -42.19
N CYS D 136 7.51 20.38 -42.01
CA CYS D 136 7.52 19.40 -43.09
C CYS D 136 6.61 18.24 -42.71
N LEU D 137 5.81 17.78 -43.68
CA LEU D 137 4.77 16.79 -43.44
C LEU D 137 4.99 15.57 -44.33
N LEU D 138 5.06 14.40 -43.70
CA LEU D 138 5.08 13.11 -44.39
C LEU D 138 3.75 12.43 -44.10
N ASN D 139 2.97 12.18 -45.14
CA ASN D 139 1.58 11.77 -44.98
C ASN D 139 1.36 10.37 -45.56
N ASN D 140 0.79 9.49 -44.74
CA ASN D 140 0.34 8.16 -45.14
C ASN D 140 1.45 7.33 -45.79
N PHE D 141 2.31 6.73 -44.96
CA PHE D 141 3.40 5.91 -45.45
C PHE D 141 3.53 4.66 -44.59
N TYR D 142 4.29 3.70 -45.11
CA TYR D 142 4.57 2.47 -44.38
C TYR D 142 5.83 1.85 -44.97
N PRO D 143 6.73 1.28 -44.16
CA PRO D 143 6.61 1.16 -42.69
C PRO D 143 6.91 2.44 -41.93
N ARG D 144 7.06 2.33 -40.61
CA ARG D 144 7.26 3.52 -39.79
C ARG D 144 8.60 4.19 -40.08
N GLU D 145 9.62 3.41 -40.44
CA GLU D 145 10.97 3.93 -40.63
C GLU D 145 11.06 4.94 -41.76
N ALA D 146 11.34 6.20 -41.44
CA ALA D 146 11.49 7.26 -42.43
C ALA D 146 12.38 8.34 -41.85
N LYS D 147 13.45 8.67 -42.57
CA LYS D 147 14.39 9.69 -42.14
C LYS D 147 14.01 11.03 -42.75
N VAL D 148 14.09 12.09 -41.94
CA VAL D 148 13.82 13.45 -42.37
C VAL D 148 15.09 14.26 -42.16
N GLN D 149 15.62 14.81 -43.26
CA GLN D 149 16.83 15.62 -43.22
C GLN D 149 16.47 17.04 -43.63
N TRP D 150 16.65 17.98 -42.71
CA TRP D 150 16.42 19.38 -43.00
C TRP D 150 17.64 19.98 -43.67
N LYS D 151 17.44 20.57 -44.85
CA LYS D 151 18.51 21.25 -45.57
C LYS D 151 18.17 22.73 -45.67
N VAL D 152 19.02 23.56 -45.08
CA VAL D 152 18.88 25.02 -45.12
C VAL D 152 20.06 25.55 -45.93
N ASP D 153 19.79 25.94 -47.18
CA ASP D 153 20.84 26.27 -48.14
C ASP D 153 21.79 25.08 -48.32
N ASN D 154 21.21 23.88 -48.44
CA ASN D 154 21.94 22.62 -48.57
C ASN D 154 22.90 22.37 -47.41
N ALA D 155 22.51 22.82 -46.21
CA ALA D 155 23.29 22.56 -45.01
C ALA D 155 22.42 21.77 -44.05
N LEU D 156 22.87 20.59 -43.67
CA LEU D 156 22.06 19.73 -42.81
C LEU D 156 21.88 20.36 -41.44
N GLN D 157 20.65 20.38 -40.94
CA GLN D 157 20.31 21.00 -39.67
C GLN D 157 20.16 19.92 -38.60
N SER D 158 21.11 19.88 -37.66
CA SER D 158 21.06 18.97 -36.54
C SER D 158 20.80 19.74 -35.25
N GLY D 159 20.09 19.11 -34.32
CA GLY D 159 19.74 19.75 -33.08
C GLY D 159 18.84 20.96 -33.23
N ASN D 160 18.05 21.00 -34.30
CA ASN D 160 17.18 22.13 -34.58
C ASN D 160 15.75 21.73 -34.91
N SER D 161 15.44 20.43 -35.00
CA SER D 161 14.14 19.95 -35.41
C SER D 161 13.59 18.98 -34.38
N GLN D 162 12.29 18.73 -34.47
CA GLN D 162 11.61 17.73 -33.65
C GLN D 162 10.57 17.02 -34.51
N GLU D 163 10.60 15.69 -34.50
CA GLU D 163 9.67 14.89 -35.29
C GLU D 163 8.50 14.43 -34.43
N SER D 164 7.49 13.89 -35.10
CA SER D 164 6.30 13.39 -34.42
C SER D 164 5.60 12.42 -35.34
N VAL D 165 5.38 11.20 -34.86
CA VAL D 165 4.69 10.16 -35.63
C VAL D 165 3.36 9.87 -34.97
N THR D 166 2.40 9.46 -35.78
CA THR D 166 1.07 9.09 -35.30
C THR D 166 0.96 7.58 -35.12
N GLU D 167 -0.17 7.16 -34.56
CA GLU D 167 -0.49 5.75 -34.50
C GLU D 167 -0.93 5.26 -35.87
N GLN D 168 -0.95 3.94 -36.04
CA GLN D 168 -1.43 3.37 -37.28
C GLN D 168 -2.87 3.79 -37.55
N ASP D 169 -3.14 4.15 -38.80
CA ASP D 169 -4.51 4.50 -39.19
C ASP D 169 -5.40 3.27 -39.12
N SER D 170 -6.68 3.50 -38.83
CA SER D 170 -7.61 2.40 -38.65
C SER D 170 -8.08 1.78 -39.96
N LYS D 171 -7.92 2.49 -41.09
CA LYS D 171 -8.37 2.00 -42.38
C LYS D 171 -7.21 1.57 -43.27
N ASP D 172 -6.24 2.45 -43.51
CA ASP D 172 -5.12 2.12 -44.38
C ASP D 172 -3.90 1.60 -43.64
N SER D 173 -3.86 1.73 -42.31
CA SER D 173 -2.75 1.21 -41.49
C SER D 173 -1.42 1.82 -41.90
N THR D 174 -1.41 3.12 -42.15
CA THR D 174 -0.19 3.87 -42.42
C THR D 174 0.12 4.80 -41.27
N TYR D 175 1.27 5.46 -41.37
CA TYR D 175 1.71 6.43 -40.38
C TYR D 175 1.76 7.82 -41.03
N SER D 176 2.05 8.82 -40.21
CA SER D 176 2.23 10.18 -40.68
C SER D 176 3.22 10.87 -39.76
N LEU D 177 4.21 11.53 -40.35
CA LEU D 177 5.30 12.16 -39.61
C LEU D 177 5.26 13.67 -39.80
N SER D 178 5.49 14.40 -38.71
CA SER D 178 5.54 15.86 -38.74
C SER D 178 6.83 16.33 -38.09
N SER D 179 7.78 16.76 -38.92
CA SER D 179 9.01 17.35 -38.44
C SER D 179 8.86 18.87 -38.39
N THR D 180 9.22 19.47 -37.26
CA THR D 180 9.12 20.91 -37.06
C THR D 180 10.51 21.48 -36.83
N LEU D 181 10.87 22.49 -37.63
CA LEU D 181 12.18 23.14 -37.55
C LEU D 181 11.96 24.54 -36.98
N THR D 182 12.26 24.71 -35.70
CA THR D 182 12.07 25.99 -35.02
C THR D 182 13.41 26.73 -34.96
N LEU D 183 13.40 27.99 -35.38
CA LEU D 183 14.57 28.83 -35.30
C LEU D 183 14.12 30.29 -35.26
N SER D 184 14.96 31.14 -34.68
CA SER D 184 14.58 32.51 -34.40
C SER D 184 14.26 33.28 -35.69
N LYS D 185 13.58 34.41 -35.53
CA LYS D 185 13.23 35.23 -36.68
C LYS D 185 14.48 35.87 -37.28
N ALA D 186 15.43 36.27 -36.45
CA ALA D 186 16.65 36.90 -36.96
C ALA D 186 17.48 35.90 -37.77
N ASP D 187 17.61 34.67 -37.28
CA ASP D 187 18.32 33.65 -38.03
C ASP D 187 17.53 33.11 -39.21
N TYR D 188 16.24 33.44 -39.30
CA TYR D 188 15.44 32.96 -40.42
C TYR D 188 15.77 33.71 -41.71
N GLU D 189 16.19 34.97 -41.61
CA GLU D 189 16.54 35.76 -42.77
C GLU D 189 18.02 35.65 -43.13
N LYS D 190 18.85 35.07 -42.28
CA LYS D 190 20.25 34.84 -42.62
C LYS D 190 20.40 33.81 -43.73
N HIS D 191 19.40 32.96 -43.93
CA HIS D 191 19.42 31.90 -44.92
C HIS D 191 18.28 32.09 -45.90
N LYS D 192 18.31 31.33 -46.99
CA LYS D 192 17.39 31.55 -48.10
C LYS D 192 16.54 30.32 -48.43
N VAL D 193 17.15 29.22 -48.85
CA VAL D 193 16.40 28.04 -49.28
C VAL D 193 16.20 27.11 -48.10
N TYR D 194 14.94 26.79 -47.80
CA TYR D 194 14.58 25.85 -46.74
C TYR D 194 14.02 24.59 -47.39
N ALA D 195 14.75 23.48 -47.25
CA ALA D 195 14.40 22.22 -47.88
C ALA D 195 14.01 21.20 -46.83
N CYS D 196 13.57 20.03 -47.31
CA CYS D 196 13.17 18.93 -46.43
C CYS D 196 13.40 17.64 -47.20
N GLU D 197 14.50 16.94 -46.88
CA GLU D 197 14.79 15.67 -47.53
C GLU D 197 14.02 14.54 -46.84
N VAL D 198 13.54 13.59 -47.63
CA VAL D 198 12.77 12.47 -47.12
C VAL D 198 13.32 11.19 -47.74
N THR D 199 13.80 10.29 -46.89
CA THR D 199 14.28 8.98 -47.32
C THR D 199 13.36 7.91 -46.74
N HIS D 200 12.87 7.02 -47.60
CA HIS D 200 11.92 6.01 -47.17
C HIS D 200 12.09 4.76 -48.02
N GLN D 201 11.60 3.63 -47.49
CA GLN D 201 11.66 2.37 -48.22
C GLN D 201 10.83 2.41 -49.49
N GLY D 202 9.76 3.21 -49.49
CA GLY D 202 8.90 3.32 -50.66
C GLY D 202 9.31 4.40 -51.64
N LEU D 203 10.57 4.83 -51.56
CA LEU D 203 11.11 5.85 -52.46
C LEU D 203 12.39 5.31 -53.09
N SER D 204 12.40 5.24 -54.42
CA SER D 204 13.58 4.77 -55.13
C SER D 204 14.75 5.76 -55.00
N SER D 205 14.46 7.00 -54.63
CA SER D 205 15.48 8.03 -54.42
C SER D 205 14.93 9.04 -53.43
N PRO D 206 15.79 9.62 -52.58
CA PRO D 206 15.32 10.62 -51.62
C PRO D 206 14.62 11.78 -52.29
N VAL D 207 13.45 12.14 -51.76
CA VAL D 207 12.59 13.17 -52.33
C VAL D 207 12.68 14.42 -51.48
N THR D 208 12.91 15.56 -52.14
CA THR D 208 13.10 16.84 -51.47
C THR D 208 12.01 17.81 -51.87
N LYS D 209 11.35 18.41 -50.89
CA LYS D 209 10.38 19.48 -51.09
C LYS D 209 10.87 20.72 -50.39
N SER D 210 11.06 21.80 -51.14
CA SER D 210 11.65 23.02 -50.60
C SER D 210 10.81 24.22 -51.01
N PHE D 211 11.29 25.40 -50.64
CA PHE D 211 10.69 26.66 -51.04
C PHE D 211 11.73 27.76 -50.85
N ASN D 212 11.41 28.95 -51.37
CA ASN D 212 12.25 30.12 -51.25
C ASN D 212 11.53 31.18 -50.42
N ARG D 213 12.30 31.91 -49.61
CA ARG D 213 11.72 32.94 -48.75
C ARG D 213 11.34 34.14 -49.60
N GLY D 214 10.04 34.35 -49.78
CA GLY D 214 9.56 35.45 -50.61
C GLY D 214 9.39 35.04 -52.07
N GLU D 215 8.46 34.12 -52.32
CA GLU D 215 8.17 33.64 -53.67
C GLU D 215 6.81 32.95 -53.72
N THR E 7 -32.29 -33.98 30.84
CA THR E 7 -30.89 -33.75 30.52
C THR E 7 -30.65 -33.82 29.01
N ASN E 8 -31.28 -32.92 28.26
CA ASN E 8 -31.04 -32.83 26.82
C ASN E 8 -29.72 -32.14 26.54
N LEU E 9 -29.00 -32.64 25.55
CA LEU E 9 -27.75 -32.03 25.12
C LEU E 9 -27.98 -31.16 23.90
N CYS E 10 -27.32 -30.00 23.89
CA CYS E 10 -27.54 -29.03 22.83
C CYS E 10 -27.15 -29.64 21.49
N PRO E 11 -28.01 -29.56 20.47
CA PRO E 11 -27.69 -30.22 19.19
C PRO E 11 -26.59 -29.49 18.41
N PHE E 12 -25.33 -29.68 18.81
CA PHE E 12 -24.21 -29.11 18.07
C PHE E 12 -23.71 -30.05 16.99
N ASP E 13 -23.82 -31.36 17.18
CA ASP E 13 -23.39 -32.31 16.16
C ASP E 13 -24.19 -32.14 14.88
N GLU E 14 -25.48 -31.84 15.00
CA GLU E 14 -26.33 -31.64 13.83
C GLU E 14 -25.88 -30.44 12.99
N VAL E 15 -25.15 -29.51 13.58
CA VAL E 15 -24.77 -28.29 12.87
C VAL E 15 -23.40 -28.42 12.23
N PHE E 16 -22.42 -28.93 12.96
CA PHE E 16 -21.08 -29.10 12.41
C PHE E 16 -20.99 -30.33 11.51
N ASN E 17 -21.56 -31.46 11.94
CA ASN E 17 -21.48 -32.72 11.21
C ASN E 17 -22.56 -32.84 10.12
N ALA E 18 -23.23 -31.75 9.78
CA ALA E 18 -24.23 -31.81 8.71
C ALA E 18 -23.57 -32.19 7.39
N THR E 19 -24.26 -33.00 6.61
CA THR E 19 -23.71 -33.45 5.32
C THR E 19 -23.84 -32.38 4.25
N ARG E 20 -24.90 -31.57 4.28
CA ARG E 20 -25.10 -30.50 3.31
C ARG E 20 -25.29 -29.18 4.05
N PHE E 21 -24.60 -28.15 3.59
CA PHE E 21 -24.70 -26.82 4.16
C PHE E 21 -25.54 -25.92 3.26
N ALA E 22 -25.95 -24.78 3.82
CA ALA E 22 -26.79 -23.83 3.10
C ALA E 22 -25.93 -22.86 2.29
N SER E 23 -26.55 -22.22 1.31
CA SER E 23 -25.90 -21.12 0.62
C SER E 23 -25.86 -19.90 1.52
N VAL E 24 -24.89 -19.02 1.26
CA VAL E 24 -24.68 -17.88 2.14
C VAL E 24 -25.87 -16.92 2.11
N TYR E 25 -26.56 -16.81 0.97
CA TYR E 25 -27.69 -15.88 0.90
C TYR E 25 -28.90 -16.41 1.65
N ALA E 26 -29.05 -17.73 1.73
CA ALA E 26 -30.14 -18.35 2.46
C ALA E 26 -29.59 -19.14 3.64
N TRP E 27 -28.78 -18.49 4.47
CA TRP E 27 -28.08 -19.18 5.55
C TRP E 27 -29.06 -19.78 6.54
N ASN E 28 -28.77 -21.00 6.98
CA ASN E 28 -29.62 -21.71 7.92
C ASN E 28 -29.25 -21.37 9.36
N ARG E 29 -30.26 -21.25 10.21
CA ARG E 29 -30.08 -20.94 11.63
C ARG E 29 -30.84 -21.95 12.47
N LYS E 30 -30.13 -22.56 13.41
CA LYS E 30 -30.69 -23.53 14.36
C LYS E 30 -30.83 -22.85 15.71
N ARG E 31 -32.07 -22.72 16.18
CA ARG E 31 -32.32 -22.11 17.49
C ARG E 31 -32.15 -23.17 18.57
N ILE E 32 -31.11 -23.00 19.39
CA ILE E 32 -30.75 -23.97 20.43
C ILE E 32 -31.09 -23.35 21.78
N SER E 33 -31.92 -24.05 22.56
CA SER E 33 -32.33 -23.54 23.86
C SER E 33 -32.72 -24.71 24.75
N ASN E 34 -32.69 -24.47 26.06
CA ASN E 34 -33.08 -25.43 27.08
C ASN E 34 -32.32 -26.75 26.89
N CYS E 35 -31.02 -26.68 27.13
CA CYS E 35 -30.14 -27.83 26.93
C CYS E 35 -28.85 -27.63 27.72
N VAL E 36 -28.06 -28.69 27.80
CA VAL E 36 -26.75 -28.68 28.43
C VAL E 36 -25.71 -28.64 27.32
N ALA E 37 -24.86 -27.62 27.33
CA ALA E 37 -23.94 -27.37 26.23
C ALA E 37 -22.63 -28.10 26.48
N ASP E 38 -22.39 -29.15 25.69
CA ASP E 38 -21.09 -29.85 25.70
C ASP E 38 -20.18 -29.13 24.73
N TYR E 39 -19.64 -28.00 25.20
CA TYR E 39 -18.62 -27.28 24.43
C TYR E 39 -17.39 -28.16 24.31
N SER E 40 -17.22 -28.80 23.16
CA SER E 40 -16.07 -29.66 22.92
C SER E 40 -15.73 -29.62 21.45
N VAL E 41 -16.75 -29.41 20.62
CA VAL E 41 -16.52 -29.19 19.20
C VAL E 41 -15.66 -27.95 19.00
N LEU E 42 -15.81 -26.95 19.87
CA LEU E 42 -15.01 -25.74 19.82
C LEU E 42 -14.00 -25.64 20.95
N TYR E 43 -14.11 -26.47 21.99
CA TYR E 43 -13.19 -26.40 23.11
C TYR E 43 -11.75 -26.57 22.65
N ASN E 44 -11.43 -27.72 22.10
CA ASN E 44 -10.11 -27.96 21.53
C ASN E 44 -10.27 -28.13 20.03
N LEU E 45 -9.99 -27.06 19.30
CA LEU E 45 -9.99 -27.06 17.85
C LEU E 45 -8.58 -27.07 17.31
N ALA E 46 -8.37 -27.82 16.23
CA ALA E 46 -7.07 -27.98 15.61
C ALA E 46 -6.63 -26.67 14.96
N PRO E 47 -5.34 -26.54 14.64
CA PRO E 47 -4.88 -25.31 13.97
C PRO E 47 -5.54 -25.03 12.63
N PHE E 48 -6.00 -26.06 11.92
CA PHE E 48 -6.52 -25.82 10.57
C PHE E 48 -7.97 -25.34 10.62
N PHE E 49 -8.38 -24.87 11.79
CA PHE E 49 -9.70 -24.31 12.01
C PHE E 49 -9.57 -22.82 12.31
N THR E 50 -10.29 -22.01 11.55
CA THR E 50 -10.37 -20.59 11.83
C THR E 50 -11.36 -20.37 12.97
N PHE E 51 -10.86 -19.85 14.08
CA PHE E 51 -11.65 -19.69 15.30
C PHE E 51 -11.43 -18.29 15.85
N LYS E 52 -12.46 -17.45 15.77
CA LYS E 52 -12.41 -16.08 16.26
C LYS E 52 -13.66 -15.81 17.09
N CYS E 53 -13.46 -15.43 18.35
CA CYS E 53 -14.55 -15.09 19.24
C CYS E 53 -14.58 -13.59 19.50
N TYR E 54 -15.79 -13.06 19.69
CA TYR E 54 -16.00 -11.63 19.86
C TYR E 54 -16.94 -11.40 21.02
N GLY E 55 -16.58 -10.48 21.91
CA GLY E 55 -17.39 -10.12 23.05
C GLY E 55 -17.45 -11.14 24.17
N VAL E 56 -16.96 -12.37 23.95
CA VAL E 56 -16.99 -13.40 24.98
C VAL E 56 -15.75 -14.28 24.80
N SER E 57 -15.29 -14.85 25.91
CA SER E 57 -14.12 -15.73 25.93
C SER E 57 -14.55 -17.19 25.90
N PRO E 58 -13.88 -18.02 25.10
CA PRO E 58 -14.28 -19.43 25.01
C PRO E 58 -14.08 -20.21 26.30
N THR E 59 -12.98 -19.95 27.02
CA THR E 59 -12.75 -20.65 28.28
C THR E 59 -13.78 -20.33 29.35
N LYS E 60 -14.61 -19.31 29.13
CA LYS E 60 -15.63 -18.90 30.07
C LYS E 60 -17.04 -19.33 29.66
N LEU E 61 -17.18 -19.96 28.49
CA LEU E 61 -18.51 -20.33 28.00
C LEU E 61 -19.14 -21.43 28.87
N ASN E 62 -18.32 -22.31 29.44
CA ASN E 62 -18.85 -23.35 30.31
C ASN E 62 -19.42 -22.78 31.61
N ASP E 63 -19.06 -21.56 31.97
CA ASP E 63 -19.48 -20.94 33.22
C ASP E 63 -20.56 -19.90 33.02
N LEU E 64 -21.22 -19.87 31.87
CA LEU E 64 -22.21 -18.88 31.54
C LEU E 64 -23.50 -19.55 31.07
N CYS E 65 -24.63 -18.98 31.46
CA CYS E 65 -25.94 -19.40 30.96
C CYS E 65 -26.50 -18.32 30.06
N PHE E 66 -27.06 -18.73 28.92
CA PHE E 66 -27.64 -17.81 27.95
C PHE E 66 -29.11 -18.12 27.76
N THR E 67 -29.86 -17.11 27.29
CA THR E 67 -31.28 -17.30 27.03
C THR E 67 -31.50 -18.14 25.77
N ASN E 68 -30.84 -17.78 24.67
CA ASN E 68 -30.87 -18.56 23.45
C ASN E 68 -29.50 -18.50 22.79
N VAL E 69 -29.14 -19.57 22.09
CA VAL E 69 -27.89 -19.63 21.32
C VAL E 69 -28.23 -19.99 19.88
N TYR E 70 -27.84 -19.13 18.96
CA TYR E 70 -28.18 -19.30 17.54
C TYR E 70 -26.98 -19.83 16.77
N ALA E 71 -27.21 -20.87 15.96
CA ALA E 71 -26.17 -21.55 15.20
C ALA E 71 -26.43 -21.33 13.71
N ASP E 72 -25.74 -20.35 13.14
CA ASP E 72 -25.86 -20.02 11.72
C ASP E 72 -24.80 -20.76 10.93
N SER E 73 -25.21 -21.44 9.86
CA SER E 73 -24.29 -22.21 9.03
C SER E 73 -24.56 -21.92 7.56
N PHE E 74 -23.50 -21.86 6.77
CA PHE E 74 -23.55 -21.55 5.34
C PHE E 74 -22.18 -21.87 4.75
N VAL E 75 -21.97 -21.46 3.50
CA VAL E 75 -20.75 -21.77 2.76
C VAL E 75 -20.33 -20.55 1.95
N ILE E 76 -19.06 -20.17 2.05
CA ILE E 76 -18.45 -19.14 1.24
C ILE E 76 -17.09 -19.64 0.78
N ARG E 77 -16.37 -18.81 0.04
CA ARG E 77 -15.01 -19.14 -0.39
C ARG E 77 -13.99 -18.51 0.56
N GLY E 78 -12.76 -19.01 0.48
CA GLY E 78 -11.76 -18.67 1.49
C GLY E 78 -11.50 -17.19 1.64
N ASP E 79 -11.46 -16.46 0.51
CA ASP E 79 -11.20 -15.03 0.54
C ASP E 79 -12.31 -14.23 1.20
N GLU E 80 -13.44 -14.85 1.52
CA GLU E 80 -14.60 -14.15 2.06
C GLU E 80 -14.86 -14.45 3.53
N VAL E 81 -14.07 -15.32 4.15
CA VAL E 81 -14.29 -15.62 5.56
C VAL E 81 -13.94 -14.43 6.43
N ARG E 82 -13.00 -13.59 5.99
CA ARG E 82 -12.61 -12.41 6.76
C ARG E 82 -13.76 -11.44 6.95
N GLN E 83 -14.83 -11.57 6.16
CA GLN E 83 -15.98 -10.68 6.26
C GLN E 83 -17.00 -11.13 7.29
N ILE E 84 -17.03 -12.44 7.60
CA ILE E 84 -17.93 -12.94 8.63
C ILE E 84 -17.40 -12.51 9.99
N ALA E 85 -17.51 -11.23 10.30
CA ALA E 85 -16.98 -10.66 11.52
C ALA E 85 -17.69 -9.33 11.78
N PRO E 86 -17.72 -8.87 13.03
CA PRO E 86 -18.33 -7.56 13.31
C PRO E 86 -17.57 -6.43 12.61
N GLY E 87 -18.34 -5.49 12.06
CA GLY E 87 -17.76 -4.32 11.42
C GLY E 87 -16.97 -4.64 10.17
N GLN E 88 -17.56 -5.42 9.27
CA GLN E 88 -16.93 -5.79 8.02
C GLN E 88 -17.83 -5.42 6.84
N THR E 89 -17.20 -5.06 5.73
CA THR E 89 -17.91 -4.71 4.50
C THR E 89 -17.43 -5.60 3.36
N GLY E 90 -18.26 -5.67 2.32
CA GLY E 90 -17.99 -6.56 1.20
C GLY E 90 -19.27 -7.17 0.67
N ASN E 91 -19.19 -7.97 -0.40
CA ASN E 91 -20.40 -8.52 -0.99
C ASN E 91 -21.08 -9.48 -0.03
N ILE E 92 -20.31 -10.27 0.71
CA ILE E 92 -20.90 -11.21 1.65
C ILE E 92 -21.49 -10.48 2.85
N ALA E 93 -20.71 -9.56 3.44
CA ALA E 93 -21.18 -8.87 4.63
C ALA E 93 -22.38 -7.98 4.34
N ASP E 94 -22.35 -7.25 3.21
CA ASP E 94 -23.41 -6.29 2.92
C ASP E 94 -24.65 -6.94 2.34
N TYR E 95 -24.50 -8.02 1.58
CA TYR E 95 -25.60 -8.54 0.77
C TYR E 95 -25.99 -9.98 1.08
N ASN E 96 -25.35 -10.65 2.03
CA ASN E 96 -25.67 -12.05 2.28
C ASN E 96 -25.85 -12.37 3.75
N TYR E 97 -24.81 -12.11 4.57
CA TYR E 97 -24.87 -12.43 6.00
C TYR E 97 -24.05 -11.38 6.76
N LYS E 98 -24.74 -10.53 7.52
CA LYS E 98 -24.11 -9.44 8.27
C LYS E 98 -24.13 -9.75 9.76
N LEU E 99 -23.01 -9.47 10.43
CA LEU E 99 -22.90 -9.54 11.88
C LEU E 99 -22.88 -8.13 12.47
N PRO E 100 -23.55 -7.92 13.60
CA PRO E 100 -23.63 -6.57 14.18
C PRO E 100 -22.28 -6.11 14.72
N ASP E 101 -22.22 -4.83 15.07
CA ASP E 101 -20.98 -4.25 15.58
C ASP E 101 -20.69 -4.71 17.01
N ASP E 102 -21.72 -4.99 17.80
CA ASP E 102 -21.57 -5.50 19.16
C ASP E 102 -21.86 -7.00 19.23
N PHE E 103 -21.44 -7.74 18.20
CA PHE E 103 -21.70 -9.17 18.12
C PHE E 103 -21.03 -9.91 19.27
N THR E 104 -21.81 -10.71 19.98
CA THR E 104 -21.32 -11.51 21.10
C THR E 104 -21.39 -12.99 20.70
N GLY E 105 -20.25 -13.56 20.36
CA GLY E 105 -20.19 -14.94 19.95
C GLY E 105 -18.91 -15.23 19.19
N CYS E 106 -18.83 -16.46 18.67
CA CYS E 106 -17.66 -16.94 17.97
C CYS E 106 -18.02 -17.31 16.53
N VAL E 107 -17.00 -17.29 15.66
CA VAL E 107 -17.12 -17.72 14.28
C VAL E 107 -16.14 -18.87 14.07
N ILE E 108 -16.59 -19.90 13.35
CA ILE E 108 -15.80 -21.08 13.07
C ILE E 108 -15.84 -21.36 11.58
N ALA E 109 -14.68 -21.59 10.98
CA ALA E 109 -14.60 -21.83 9.54
C ALA E 109 -13.48 -22.81 9.25
N TRP E 110 -13.75 -23.75 8.35
CA TRP E 110 -12.75 -24.74 7.98
C TRP E 110 -12.85 -25.00 6.48
N ASN E 111 -11.71 -25.36 5.89
CA ASN E 111 -11.65 -25.64 4.47
C ASN E 111 -12.37 -26.94 4.17
N SER E 112 -13.41 -26.87 3.35
CA SER E 112 -14.21 -28.03 2.96
C SER E 112 -14.06 -28.32 1.46
N ASN E 113 -12.82 -28.26 0.96
CA ASN E 113 -12.59 -28.51 -0.45
C ASN E 113 -12.81 -29.97 -0.82
N LYS E 114 -12.64 -30.89 0.13
CA LYS E 114 -12.86 -32.31 -0.12
C LYS E 114 -14.34 -32.69 -0.07
N LEU E 115 -15.23 -31.77 0.26
CA LEU E 115 -16.64 -32.07 0.45
C LEU E 115 -17.56 -31.35 -0.52
N ASP E 116 -17.31 -30.07 -0.79
CA ASP E 116 -18.24 -29.23 -1.54
C ASP E 116 -17.69 -28.81 -2.91
N SER E 117 -16.65 -29.48 -3.41
CA SER E 117 -16.05 -29.14 -4.69
C SER E 117 -15.99 -30.37 -5.57
N LYS E 118 -16.64 -30.30 -6.73
CA LYS E 118 -16.64 -31.37 -7.71
C LYS E 118 -15.70 -31.03 -8.84
N VAL E 119 -15.27 -32.06 -9.59
CA VAL E 119 -14.34 -31.86 -10.68
C VAL E 119 -14.98 -31.02 -11.79
N SER E 120 -16.25 -31.29 -12.09
CA SER E 120 -16.98 -30.54 -13.10
C SER E 120 -17.63 -29.26 -12.56
N GLY E 121 -17.28 -28.86 -11.33
CA GLY E 121 -17.83 -27.66 -10.74
C GLY E 121 -19.08 -27.90 -9.93
N ASN E 122 -19.14 -27.35 -8.72
CA ASN E 122 -20.28 -27.50 -7.83
C ASN E 122 -21.02 -26.17 -7.79
N TYR E 123 -21.89 -25.96 -8.78
CA TYR E 123 -22.66 -24.73 -8.91
C TYR E 123 -23.86 -24.69 -7.98
N ASN E 124 -23.99 -25.65 -7.06
CA ASN E 124 -25.16 -25.70 -6.19
C ASN E 124 -25.17 -24.55 -5.19
N TYR E 125 -24.00 -24.18 -4.67
CA TYR E 125 -23.91 -23.10 -3.70
C TYR E 125 -24.02 -21.75 -4.40
N LEU E 126 -24.82 -20.85 -3.83
CA LEU E 126 -25.13 -19.57 -4.46
C LEU E 126 -24.77 -18.42 -3.53
N TYR E 127 -24.76 -17.22 -4.11
CA TYR E 127 -24.54 -15.98 -3.36
C TYR E 127 -25.25 -14.85 -4.07
N ARG E 128 -25.52 -13.78 -3.32
CA ARG E 128 -26.18 -12.61 -3.87
C ARG E 128 -25.13 -11.59 -4.30
N LEU E 129 -25.25 -11.10 -5.54
CA LEU E 129 -24.32 -10.12 -6.07
C LEU E 129 -24.86 -8.70 -6.06
N PHE E 130 -26.15 -8.51 -6.33
CA PHE E 130 -26.76 -7.18 -6.40
C PHE E 130 -27.83 -7.03 -5.34
N ARG E 131 -27.83 -5.88 -4.68
CA ARG E 131 -28.88 -5.52 -3.74
C ARG E 131 -28.93 -4.01 -3.62
N LYS E 132 -30.13 -3.46 -3.48
CA LYS E 132 -30.29 -2.02 -3.52
C LYS E 132 -29.68 -1.32 -2.31
N SER E 133 -29.67 -2.01 -1.16
CA SER E 133 -29.13 -1.45 0.08
C SER E 133 -28.40 -2.56 0.84
N ASN E 134 -27.77 -2.19 1.95
CA ASN E 134 -27.04 -3.15 2.76
C ASN E 134 -27.99 -3.92 3.68
N LEU E 135 -27.53 -5.10 4.11
CA LEU E 135 -28.31 -5.91 5.03
C LEU E 135 -28.15 -5.42 6.46
N LYS E 136 -29.25 -5.46 7.21
CA LYS E 136 -29.18 -5.26 8.65
C LYS E 136 -28.55 -6.49 9.29
N PRO E 137 -28.07 -6.37 10.52
CA PRO E 137 -27.50 -7.54 11.21
C PRO E 137 -28.52 -8.66 11.33
N PHE E 138 -28.10 -9.88 10.97
CA PHE E 138 -28.94 -11.07 11.05
C PHE E 138 -30.16 -10.97 10.14
N GLU E 139 -29.97 -10.42 8.95
CA GLU E 139 -31.02 -10.32 7.94
C GLU E 139 -30.81 -11.38 6.87
N ARG E 140 -31.90 -12.04 6.47
CA ARG E 140 -31.86 -13.10 5.47
C ARG E 140 -32.80 -12.73 4.33
N ASP E 141 -32.24 -12.49 3.16
CA ASP E 141 -33.00 -12.08 1.98
C ASP E 141 -32.91 -13.20 0.94
N ILE E 142 -34.02 -13.92 0.76
CA ILE E 142 -34.10 -14.98 -0.25
C ILE E 142 -34.83 -14.52 -1.50
N SER E 143 -35.01 -13.21 -1.67
CA SER E 143 -35.71 -12.71 -2.85
C SER E 143 -34.88 -12.94 -4.10
N THR E 144 -35.55 -13.34 -5.18
CA THR E 144 -34.90 -13.58 -6.47
C THR E 144 -35.49 -12.67 -7.54
N GLU E 145 -35.85 -11.45 -7.16
CA GLU E 145 -36.42 -10.50 -8.10
C GLU E 145 -35.32 -9.87 -8.94
N ILE E 146 -35.62 -9.66 -10.23
CA ILE E 146 -34.65 -9.11 -11.16
C ILE E 146 -34.20 -7.74 -10.67
N TYR E 147 -32.90 -7.60 -10.43
CA TYR E 147 -32.34 -6.37 -9.89
C TYR E 147 -32.28 -5.30 -10.96
N GLN E 148 -32.80 -4.11 -10.64
CA GLN E 148 -32.83 -2.99 -11.56
C GLN E 148 -31.58 -2.15 -11.39
N ALA E 149 -30.70 -2.17 -12.38
CA ALA E 149 -29.48 -1.38 -12.36
C ALA E 149 -29.55 -0.15 -13.26
N GLY E 150 -30.66 0.05 -13.97
CA GLY E 150 -30.79 1.19 -14.84
C GLY E 150 -32.00 2.04 -14.55
N ASN E 151 -32.52 2.71 -15.56
CA ASN E 151 -33.66 3.61 -15.39
C ASN E 151 -34.99 2.98 -15.79
N LYS E 152 -34.98 2.02 -16.71
CA LYS E 152 -36.20 1.38 -17.17
C LYS E 152 -36.55 0.19 -16.29
N PRO E 153 -37.84 -0.02 -16.02
CA PRO E 153 -38.24 -1.12 -15.14
C PRO E 153 -38.02 -2.47 -15.78
N CYS E 154 -37.65 -3.45 -14.94
CA CYS E 154 -37.31 -4.78 -15.44
C CYS E 154 -38.54 -5.59 -15.78
N ASN E 155 -39.50 -5.66 -14.84
CA ASN E 155 -40.71 -6.47 -15.01
C ASN E 155 -40.37 -7.94 -15.22
N GLY E 156 -39.41 -8.44 -14.44
CA GLY E 156 -39.02 -9.84 -14.54
C GLY E 156 -38.36 -10.21 -15.85
N VAL E 157 -37.64 -9.29 -16.48
CA VAL E 157 -36.96 -9.53 -17.74
C VAL E 157 -35.46 -9.41 -17.51
N ALA E 158 -34.72 -10.48 -17.80
CA ALA E 158 -33.27 -10.45 -17.77
C ALA E 158 -32.79 -9.73 -19.03
N GLY E 159 -32.23 -8.54 -18.86
CA GLY E 159 -31.76 -7.76 -19.98
C GLY E 159 -30.74 -6.75 -19.55
N PHE E 160 -30.51 -5.76 -20.42
CA PHE E 160 -29.56 -4.70 -20.11
C PHE E 160 -30.02 -3.92 -18.87
N ASN E 161 -29.12 -3.82 -17.89
CA ASN E 161 -29.39 -3.22 -16.58
C ASN E 161 -30.52 -3.90 -15.83
N CYS E 162 -30.75 -5.19 -16.10
CA CYS E 162 -31.77 -5.97 -15.40
C CYS E 162 -31.23 -7.39 -15.28
N TYR E 163 -30.63 -7.69 -14.13
CA TYR E 163 -29.91 -8.94 -13.94
C TYR E 163 -30.49 -9.73 -12.80
N PHE E 164 -30.27 -11.05 -12.85
CA PHE E 164 -30.68 -11.95 -11.79
C PHE E 164 -29.75 -11.78 -10.59
N PRO E 165 -30.27 -11.58 -9.38
CA PRO E 165 -29.43 -11.15 -8.26
C PRO E 165 -28.60 -12.25 -7.62
N LEU E 166 -28.67 -13.49 -8.10
CA LEU E 166 -27.94 -14.60 -7.50
C LEU E 166 -26.99 -15.21 -8.52
N ARG E 167 -25.82 -15.64 -8.05
CA ARG E 167 -24.81 -16.28 -8.88
C ARG E 167 -24.28 -17.52 -8.19
N SER E 168 -23.59 -18.36 -8.96
CA SER E 168 -23.03 -19.60 -8.47
C SER E 168 -21.55 -19.44 -8.13
N TYR E 169 -21.06 -20.31 -7.27
CA TYR E 169 -19.67 -20.27 -6.83
C TYR E 169 -18.76 -21.07 -7.74
N SER E 170 -19.22 -22.22 -8.25
CA SER E 170 -18.44 -23.11 -9.09
C SER E 170 -17.13 -23.51 -8.38
N PHE E 171 -17.29 -24.35 -7.36
CA PHE E 171 -16.17 -24.83 -6.57
C PHE E 171 -15.52 -26.02 -7.27
N ARG E 172 -14.32 -25.81 -7.81
CA ARG E 172 -13.51 -26.87 -8.39
C ARG E 172 -12.25 -27.08 -7.55
N PRO E 173 -11.88 -28.33 -7.29
CA PRO E 173 -10.74 -28.60 -6.38
C PRO E 173 -9.43 -28.02 -6.86
N THR E 174 -9.26 -27.79 -8.17
CA THR E 174 -8.01 -27.29 -8.71
C THR E 174 -7.86 -25.77 -8.55
N TYR E 175 -8.79 -25.10 -7.87
CA TYR E 175 -8.68 -23.66 -7.68
C TYR E 175 -7.75 -23.36 -6.50
N GLY E 176 -7.39 -22.09 -6.37
CA GLY E 176 -6.58 -21.65 -5.25
C GLY E 176 -7.34 -21.74 -3.93
N VAL E 177 -6.62 -21.56 -2.84
CA VAL E 177 -7.23 -21.67 -1.51
C VAL E 177 -8.27 -20.58 -1.29
N GLY E 178 -8.08 -19.40 -1.89
CA GLY E 178 -9.04 -18.33 -1.76
C GLY E 178 -10.33 -18.55 -2.52
N HIS E 179 -10.36 -19.51 -3.45
CA HIS E 179 -11.54 -19.84 -4.23
C HIS E 179 -12.09 -21.22 -3.88
N GLN E 180 -11.59 -21.85 -2.79
CA GLN E 180 -12.08 -23.14 -2.31
C GLN E 180 -13.17 -22.93 -1.27
N PRO E 181 -14.13 -23.84 -1.16
CA PRO E 181 -15.25 -23.63 -0.24
C PRO E 181 -14.83 -23.75 1.21
N TYR E 182 -15.37 -22.86 2.04
CA TYR E 182 -15.19 -22.89 3.48
C TYR E 182 -16.56 -22.94 4.14
N ARG E 183 -16.77 -23.91 5.02
CA ARG E 183 -18.01 -24.01 5.79
C ARG E 183 -17.88 -23.18 7.06
N VAL E 184 -18.83 -22.29 7.28
CA VAL E 184 -18.81 -21.34 8.38
C VAL E 184 -19.95 -21.67 9.34
N VAL E 185 -19.65 -21.63 10.64
CA VAL E 185 -20.64 -21.81 11.70
C VAL E 185 -20.50 -20.63 12.66
N VAL E 186 -21.52 -19.78 12.73
CA VAL E 186 -21.51 -18.61 13.60
C VAL E 186 -22.41 -18.89 14.80
N LEU E 187 -21.83 -18.87 15.99
CA LEU E 187 -22.57 -19.12 17.23
C LEU E 187 -22.81 -17.79 17.93
N SER E 188 -24.09 -17.39 18.02
CA SER E 188 -24.49 -16.18 18.69
C SER E 188 -24.97 -16.52 20.09
N PHE E 189 -24.51 -15.76 21.09
CA PHE E 189 -24.87 -15.97 22.48
C PHE E 189 -25.71 -14.79 22.95
N GLU E 190 -27.00 -15.03 23.18
CA GLU E 190 -27.97 -14.00 23.51
C GLU E 190 -28.32 -14.06 24.99
N LEU E 191 -28.42 -12.89 25.62
CA LEU E 191 -28.75 -12.78 27.05
C LEU E 191 -29.71 -11.59 27.23
N LEU E 192 -30.99 -11.86 27.03
CA LEU E 192 -32.04 -10.86 27.18
C LEU E 192 -32.83 -11.11 28.46
N HIS E 193 -33.79 -10.22 28.74
CA HIS E 193 -34.66 -10.37 29.91
C HIS E 193 -35.52 -11.61 29.75
N ALA E 194 -34.98 -12.75 30.14
CA ALA E 194 -35.64 -14.04 29.96
C ALA E 194 -34.94 -15.06 30.84
N PRO E 195 -35.56 -16.21 31.08
CA PRO E 195 -34.86 -17.26 31.83
C PRO E 195 -33.71 -17.83 31.02
N ALA E 196 -32.53 -17.87 31.65
CA ALA E 196 -31.34 -18.44 31.01
C ALA E 196 -31.41 -19.96 31.08
N THR E 197 -31.34 -20.62 29.92
CA THR E 197 -31.52 -22.07 29.84
C THR E 197 -30.37 -22.82 29.17
N VAL E 198 -29.54 -22.16 28.37
CA VAL E 198 -28.42 -22.82 27.69
C VAL E 198 -27.19 -22.65 28.58
N CYS E 199 -27.00 -23.61 29.48
CA CYS E 199 -25.87 -23.58 30.42
C CYS E 199 -24.85 -24.65 30.04
N GLY E 200 -23.65 -24.50 30.60
CA GLY E 200 -22.55 -25.39 30.29
C GLY E 200 -22.33 -26.46 31.35
N LYS E 201 -21.51 -27.45 30.97
CA LYS E 201 -21.14 -28.53 31.88
C LYS E 201 -19.88 -29.25 31.39
#